data_5Y78
#
_entry.id   5Y78
#
_cell.length_a   106.550
_cell.length_b   164.970
_cell.length_c   41.420
_cell.angle_alpha   90.00
_cell.angle_beta   90.00
_cell.angle_gamma   90.00
#
_symmetry.space_group_name_H-M   'P 21 21 2'
#
loop_
_entity.id
_entity.type
_entity.pdbx_description
1 polymer 'Putative hexose phosphate translocator'
2 non-polymer 'PHOSPHATE ION'
3 non-polymer '(2R)-2,3-dihydroxypropyl (9Z)-octadec-9-enoate'
4 water water
#
_entity_poly.entity_id   1
_entity_poly.type   'polypeptide(L)'
_entity_poly.pdbx_seq_one_letter_code
;MSPQKSSVGVSPTLVHTLKVGFYFFLWYFFNFIFNIANKRTLNMWKYPWVLSTIQLGVGALYCTFLWVLGLRTKPNVSKK
LIKALIWPSLGHTLGHAATCMSFSLVAISFTHVVKSAEPVFGAVGSALVLGEFFHPLTYLTLVPIVSGVALSAATELTFT
WTGFITAMISNVAFVTRNITSKFTMVDFKNEKTLIAQNTYALITIISFFMELPFALLMEGFPPLVSAIAGVSKAKLFGSI
MFCSLFYHLYNEVSYLCLDNVSPVSFSIGNTIKRVIIIFGSILVFRTPVTRLNFIGSTIAIIGTMLYSLAKAKLPSKREK
QGTENLYFQ
;
_entity_poly.pdbx_strand_id   A,B
#
loop_
_chem_comp.id
_chem_comp.type
_chem_comp.name
_chem_comp.formula
OLC non-polymer '(2R)-2,3-dihydroxypropyl (9Z)-octadec-9-enoate' 'C21 H40 O4'
PO4 non-polymer 'PHOSPHATE ION' 'O4 P -3'
#
# COMPACT_ATOMS: atom_id res chain seq x y z
N SER A 11 -23.03 -20.76 31.30
CA SER A 11 -22.66 -19.48 31.92
C SER A 11 -21.16 -19.31 32.17
N PRO A 12 -20.48 -20.31 32.78
CA PRO A 12 -19.04 -20.14 33.02
C PRO A 12 -18.22 -19.81 31.79
N THR A 13 -18.65 -20.27 30.61
CA THR A 13 -17.94 -19.93 29.38
C THR A 13 -18.07 -18.45 29.08
N LEU A 14 -19.29 -17.92 29.09
CA LEU A 14 -19.48 -16.49 28.87
C LEU A 14 -18.95 -15.67 30.05
N VAL A 15 -18.93 -16.25 31.24
CA VAL A 15 -18.39 -15.54 32.40
C VAL A 15 -16.88 -15.42 32.30
N HIS A 16 -16.21 -16.50 31.86
CA HIS A 16 -14.76 -16.45 31.66
C HIS A 16 -14.39 -15.36 30.66
N THR A 17 -15.21 -15.18 29.62
CA THR A 17 -14.97 -14.11 28.65
C THR A 17 -15.21 -12.74 29.28
N LEU A 18 -15.96 -12.67 30.37
CA LEU A 18 -16.14 -11.39 31.07
C LEU A 18 -14.90 -11.00 31.85
N LYS A 19 -14.21 -11.98 32.45
CA LYS A 19 -12.95 -11.68 33.13
C LYS A 19 -11.87 -11.31 32.13
N VAL A 20 -11.85 -11.96 30.97
CA VAL A 20 -10.89 -11.60 29.93
C VAL A 20 -11.24 -10.24 29.32
N GLY A 21 -12.53 -10.00 29.07
CA GLY A 21 -12.95 -8.70 28.58
C GLY A 21 -12.62 -7.57 29.55
N PHE A 22 -12.61 -7.88 30.85
CA PHE A 22 -12.23 -6.86 31.83
C PHE A 22 -10.75 -6.53 31.74
N TYR A 23 -9.90 -7.53 31.42
CA TYR A 23 -8.50 -7.25 31.14
C TYR A 23 -8.37 -6.29 29.96
N PHE A 24 -9.18 -6.47 28.93
CA PHE A 24 -9.14 -5.57 27.78
C PHE A 24 -9.58 -4.16 28.16
N PHE A 25 -10.57 -4.05 29.05
CA PHE A 25 -11.01 -2.73 29.51
C PHE A 25 -9.91 -2.02 30.28
N LEU A 26 -9.26 -2.73 31.21
CA LEU A 26 -8.14 -2.16 31.95
C LEU A 26 -7.04 -1.72 31.00
N TRP A 27 -6.72 -2.57 30.01
CA TRP A 27 -5.75 -2.22 28.98
C TRP A 27 -6.12 -0.90 28.32
N TYR A 28 -7.39 -0.76 27.91
CA TYR A 28 -7.82 0.46 27.25
C TYR A 28 -7.85 1.65 28.21
N PHE A 29 -8.33 1.42 29.43
CA PHE A 29 -8.46 2.49 30.41
C PHE A 29 -7.09 3.02 30.84
N PHE A 30 -6.16 2.11 31.13
CA PHE A 30 -4.81 2.55 31.50
C PHE A 30 -4.12 3.22 30.32
N ASN A 31 -4.32 2.70 29.10
CA ASN A 31 -3.65 3.27 27.93
C ASN A 31 -4.15 4.67 27.61
N PHE A 32 -5.42 4.96 27.89
CA PHE A 32 -5.93 6.30 27.63
C PHE A 32 -5.36 7.30 28.62
N ILE A 33 -5.30 6.94 29.89
CA ILE A 33 -4.65 7.80 30.89
C ILE A 33 -3.19 8.03 30.52
N PHE A 34 -2.51 6.99 30.04
CA PHE A 34 -1.12 7.14 29.62
C PHE A 34 -0.99 8.13 28.47
N ASN A 35 -1.77 7.93 27.41
CA ASN A 35 -1.60 8.73 26.19
C ASN A 35 -1.80 10.21 26.46
N ILE A 36 -2.82 10.56 27.26
CA ILE A 36 -3.09 11.97 27.56
C ILE A 36 -1.95 12.57 28.36
N ALA A 37 -1.54 11.88 29.43
CA ALA A 37 -0.45 12.39 30.26
C ALA A 37 0.89 12.37 29.52
N ASN A 38 1.10 11.37 28.65
CA ASN A 38 2.35 11.30 27.91
C ASN A 38 2.49 12.46 26.94
N LYS A 39 1.42 12.79 26.21
CA LYS A 39 1.47 13.91 25.27
C LYS A 39 1.62 15.23 26.01
N ARG A 40 0.95 15.38 27.15
CA ARG A 40 1.12 16.59 27.95
C ARG A 40 2.55 16.72 28.45
N THR A 41 3.20 15.60 28.77
CA THR A 41 4.61 15.64 29.15
C THR A 41 5.47 16.07 27.98
N LEU A 42 5.21 15.53 26.78
CA LEU A 42 5.99 15.88 25.61
C LEU A 42 5.79 17.33 25.20
N ASN A 43 4.59 17.87 25.41
CA ASN A 43 4.35 19.28 25.11
C ASN A 43 5.18 20.20 26.00
N MET A 44 5.52 19.74 27.20
CA MET A 44 6.36 20.51 28.12
C MET A 44 7.83 20.14 28.02
N TRP A 45 8.15 18.92 27.60
CA TRP A 45 9.46 18.31 27.79
C TRP A 45 9.70 17.38 26.60
N LYS A 46 10.12 17.98 25.48
CA LYS A 46 10.21 17.28 24.20
C LYS A 46 11.51 16.49 24.13
N TYR A 47 11.54 15.37 24.84
CA TYR A 47 12.69 14.46 24.84
C TYR A 47 12.16 13.03 24.77
N PRO A 48 11.77 12.58 23.59
CA PRO A 48 11.15 11.24 23.49
C PRO A 48 12.07 10.10 23.87
N TRP A 49 13.36 10.17 23.51
CA TRP A 49 14.27 9.09 23.85
C TRP A 49 14.39 8.94 25.36
N VAL A 50 14.66 10.03 26.07
CA VAL A 50 14.83 9.96 27.52
C VAL A 50 13.52 9.62 28.21
N LEU A 51 12.41 10.22 27.75
CA LEU A 51 11.12 9.95 28.37
C LEU A 51 10.71 8.49 28.22
N SER A 52 10.83 7.95 27.00
CA SER A 52 10.49 6.55 26.79
C SER A 52 11.41 5.64 27.59
N THR A 53 12.67 6.05 27.77
CA THR A 53 13.58 5.26 28.60
C THR A 53 13.18 5.32 30.07
N ILE A 54 12.78 6.51 30.54
CA ILE A 54 12.31 6.64 31.92
C ILE A 54 11.11 5.74 32.16
N GLN A 55 10.17 5.70 31.20
CA GLN A 55 8.96 4.90 31.38
C GLN A 55 9.30 3.42 31.50
N LEU A 56 10.29 2.94 30.76
CA LEU A 56 10.73 1.56 30.89
C LEU A 56 11.39 1.32 32.25
N GLY A 57 12.18 2.30 32.72
CA GLY A 57 12.87 2.13 33.99
C GLY A 57 11.92 2.16 35.18
N VAL A 58 10.92 3.03 35.14
CA VAL A 58 9.92 3.07 36.21
C VAL A 58 9.17 1.74 36.28
N GLY A 59 8.83 1.17 35.12
CA GLY A 59 8.21 -0.14 35.12
C GLY A 59 9.15 -1.24 35.59
N ALA A 60 10.42 -1.13 35.23
CA ALA A 60 11.41 -2.08 35.72
C ALA A 60 11.53 -2.02 37.23
N LEU A 61 11.65 -0.81 37.79
CA LEU A 61 11.74 -0.64 39.24
C LEU A 61 10.47 -1.12 39.94
N TYR A 62 9.31 -0.81 39.35
CA TYR A 62 8.04 -1.24 39.95
C TYR A 62 7.94 -2.76 40.04
N CYS A 63 8.46 -3.46 39.03
CA CYS A 63 8.35 -4.92 39.03
C CYS A 63 9.32 -5.54 40.04
N THR A 64 10.54 -5.00 40.14
CA THR A 64 11.49 -5.54 41.11
C THR A 64 10.97 -5.37 42.53
N PHE A 65 10.28 -4.26 42.80
CA PHE A 65 9.72 -4.03 44.13
C PHE A 65 8.67 -5.09 44.47
N LEU A 66 7.84 -5.45 43.49
CA LEU A 66 6.83 -6.49 43.74
C LEU A 66 7.49 -7.84 44.03
N TRP A 67 8.60 -8.14 43.34
CA TRP A 67 9.32 -9.37 43.61
C TRP A 67 9.98 -9.34 44.99
N VAL A 68 10.64 -8.23 45.32
CA VAL A 68 11.31 -8.09 46.61
C VAL A 68 10.32 -8.28 47.74
N LEU A 69 9.17 -7.59 47.65
CA LEU A 69 8.15 -7.65 48.70
C LEU A 69 7.36 -8.94 48.70
N GLY A 70 7.63 -9.85 47.76
CA GLY A 70 6.84 -11.07 47.67
C GLY A 70 5.42 -10.87 47.22
N LEU A 71 5.10 -9.71 46.65
CA LEU A 71 3.75 -9.44 46.18
C LEU A 71 3.46 -10.10 44.84
N ARG A 72 4.49 -10.46 44.07
CA ARG A 72 4.33 -11.18 42.83
C ARG A 72 5.31 -12.34 42.80
N THR A 73 4.84 -13.49 42.31
CA THR A 73 5.69 -14.66 42.20
C THR A 73 6.95 -14.32 41.41
N LYS A 74 8.08 -14.77 41.91
CA LYS A 74 9.35 -14.49 41.26
C LYS A 74 9.58 -15.48 40.14
N PRO A 75 9.95 -15.03 38.94
CA PRO A 75 10.15 -15.97 37.83
C PRO A 75 11.41 -16.80 38.02
N ASN A 76 11.31 -18.08 37.67
CA ASN A 76 12.47 -18.97 37.67
C ASN A 76 13.29 -18.62 36.44
N VAL A 77 14.15 -17.61 36.58
CA VAL A 77 14.91 -17.08 35.46
C VAL A 77 16.04 -18.04 35.11
N SER A 78 16.09 -18.44 33.84
CA SER A 78 17.17 -19.26 33.30
C SER A 78 17.76 -18.58 32.07
N LYS A 79 18.95 -19.02 31.68
CA LYS A 79 19.59 -18.46 30.49
C LYS A 79 18.79 -18.80 29.24
N LYS A 80 18.10 -19.94 29.23
CA LYS A 80 17.22 -20.27 28.12
C LYS A 80 16.10 -19.25 27.99
N LEU A 81 15.52 -18.82 29.12
CA LEU A 81 14.45 -17.84 29.07
C LEU A 81 14.95 -16.47 28.66
N ILE A 82 16.11 -16.05 29.20
CA ILE A 82 16.64 -14.73 28.89
C ILE A 82 16.90 -14.61 27.39
N LYS A 83 17.53 -15.62 26.80
CA LYS A 83 17.80 -15.59 25.36
C LYS A 83 16.52 -15.62 24.54
N ALA A 84 15.49 -16.30 25.04
CA ALA A 84 14.18 -16.32 24.39
C ALA A 84 13.41 -15.02 24.58
N LEU A 85 13.94 -14.08 25.35
CA LEU A 85 13.31 -12.77 25.56
C LEU A 85 14.06 -11.64 24.89
N ILE A 86 15.16 -11.92 24.21
CA ILE A 86 15.93 -10.87 23.54
C ILE A 86 15.10 -10.25 22.41
N TRP A 87 14.51 -11.10 21.57
CA TRP A 87 13.74 -10.64 20.42
C TRP A 87 12.45 -9.93 20.84
N PRO A 88 11.70 -10.44 21.82
CA PRO A 88 10.60 -9.63 22.36
C PRO A 88 11.05 -8.28 22.90
N SER A 89 12.27 -8.21 23.46
CA SER A 89 12.74 -6.95 24.02
C SER A 89 13.21 -6.00 22.94
N LEU A 90 13.93 -6.50 21.93
CA LEU A 90 14.34 -5.66 20.81
C LEU A 90 13.13 -5.07 20.11
N GLY A 91 12.09 -5.87 19.89
CA GLY A 91 10.88 -5.35 19.28
C GLY A 91 10.17 -4.34 20.15
N HIS A 92 10.10 -4.62 21.46
CA HIS A 92 9.45 -3.68 22.37
C HIS A 92 10.20 -2.36 22.42
N THR A 93 11.52 -2.42 22.57
CA THR A 93 12.31 -1.19 22.66
C THR A 93 12.19 -0.37 21.38
N LEU A 94 12.32 -1.02 20.22
CA LEU A 94 12.25 -0.31 18.96
C LEU A 94 10.87 0.29 18.72
N GLY A 95 9.81 -0.46 19.01
CA GLY A 95 8.47 0.07 18.84
C GLY A 95 8.17 1.17 19.84
N HIS A 96 8.66 1.03 21.07
CA HIS A 96 8.43 2.05 22.09
C HIS A 96 9.15 3.35 21.73
N ALA A 97 10.42 3.27 21.35
CA ALA A 97 11.16 4.48 21.02
C ALA A 97 10.58 5.15 19.77
N ALA A 98 10.17 4.37 18.79
CA ALA A 98 9.61 4.94 17.56
C ALA A 98 8.25 5.57 17.83
N THR A 99 7.41 4.92 18.64
CA THR A 99 6.09 5.46 18.94
C THR A 99 6.19 6.75 19.73
N CYS A 100 7.10 6.81 20.70
CA CYS A 100 7.29 8.03 21.47
C CYS A 100 7.85 9.15 20.61
N MET A 101 8.73 8.81 19.66
CA MET A 101 9.22 9.83 18.72
C MET A 101 8.07 10.38 17.87
N SER A 102 7.19 9.50 17.39
CA SER A 102 6.03 9.96 16.63
C SER A 102 5.12 10.83 17.49
N PHE A 103 4.85 10.40 18.72
CA PHE A 103 4.05 11.19 19.66
C PHE A 103 4.63 12.61 19.80
N SER A 104 5.95 12.74 19.75
CA SER A 104 6.59 14.04 19.96
C SER A 104 6.53 14.93 18.73
N LEU A 105 6.23 14.38 17.55
CA LEU A 105 6.30 15.14 16.32
C LEU A 105 4.94 15.49 15.72
N VAL A 106 3.91 14.68 15.97
CA VAL A 106 2.58 14.90 15.39
C VAL A 106 1.56 14.76 16.50
N ALA A 107 0.31 15.10 16.17
CA ALA A 107 -0.81 14.82 17.06
C ALA A 107 -0.91 13.32 17.28
N ILE A 108 -1.09 12.91 18.54
CA ILE A 108 -1.07 11.49 18.85
C ILE A 108 -2.23 10.76 18.18
N SER A 109 -3.29 11.49 17.81
CA SER A 109 -4.39 10.86 17.08
C SER A 109 -3.92 10.35 15.72
N PHE A 110 -3.01 11.07 15.07
CA PHE A 110 -2.48 10.62 13.79
C PHE A 110 -1.52 9.44 13.99
N THR A 111 -0.75 9.45 15.08
CA THR A 111 0.12 8.32 15.37
C THR A 111 -0.68 7.03 15.52
N HIS A 112 -1.81 7.10 16.22
CA HIS A 112 -2.63 5.90 16.41
C HIS A 112 -3.38 5.50 15.15
N VAL A 113 -3.62 6.43 14.23
CA VAL A 113 -4.18 6.06 12.94
C VAL A 113 -3.19 5.20 12.17
N VAL A 114 -1.91 5.61 12.14
CA VAL A 114 -0.89 4.83 11.46
C VAL A 114 -0.71 3.47 12.13
N LYS A 115 -0.68 3.46 13.46
CA LYS A 115 -0.53 2.20 14.19
C LYS A 115 -1.78 1.33 14.13
N SER A 116 -2.89 1.85 13.59
CA SER A 116 -4.09 1.03 13.45
C SER A 116 -3.96 -0.02 12.37
N ALA A 117 -2.96 0.07 11.49
CA ALA A 117 -2.70 -0.94 10.49
C ALA A 117 -1.89 -2.11 11.04
N GLU A 118 -1.65 -2.11 12.35
CA GLU A 118 -0.90 -3.20 12.99
C GLU A 118 -1.42 -4.60 12.67
N PRO A 119 -2.73 -4.88 12.63
CA PRO A 119 -3.16 -6.26 12.34
C PRO A 119 -2.71 -6.77 10.99
N VAL A 120 -2.49 -5.90 10.01
CA VAL A 120 -2.01 -6.37 8.71
C VAL A 120 -0.59 -6.90 8.85
N PHE A 121 0.28 -6.11 9.49
CA PHE A 121 1.63 -6.58 9.78
C PHE A 121 1.60 -7.84 10.65
N GLY A 122 0.67 -7.89 11.60
CA GLY A 122 0.56 -9.07 12.45
C GLY A 122 0.16 -10.31 11.68
N ALA A 123 -0.79 -10.18 10.76
CA ALA A 123 -1.22 -11.33 9.97
C ALA A 123 -0.08 -11.83 9.08
N VAL A 124 0.66 -10.91 8.46
CA VAL A 124 1.75 -11.31 7.57
C VAL A 124 2.84 -12.03 8.36
N GLY A 125 3.28 -11.44 9.47
CA GLY A 125 4.33 -12.05 10.27
C GLY A 125 3.90 -13.37 10.88
N SER A 126 2.65 -13.46 11.31
CA SER A 126 2.15 -14.71 11.88
C SER A 126 2.03 -15.79 10.81
N ALA A 127 1.54 -15.43 9.62
CA ALA A 127 1.42 -16.42 8.55
C ALA A 127 2.79 -16.86 8.04
N LEU A 128 3.77 -15.95 8.02
CA LEU A 128 5.13 -16.34 7.66
C LEU A 128 5.66 -17.42 8.59
N VAL A 129 5.38 -17.30 9.89
CA VAL A 129 5.89 -18.25 10.86
C VAL A 129 5.12 -19.57 10.81
N LEU A 130 3.79 -19.48 10.71
CA LEU A 130 2.93 -20.65 10.73
C LEU A 130 2.79 -21.31 9.36
N GLY A 131 3.46 -20.79 8.33
CA GLY A 131 3.36 -21.38 7.01
C GLY A 131 2.00 -21.26 6.37
N GLU A 132 1.28 -20.18 6.65
CA GLU A 132 -0.06 -19.99 6.10
C GLU A 132 0.03 -19.24 4.76
N PHE A 133 -1.12 -19.17 4.09
CA PHE A 133 -1.25 -18.47 2.82
C PHE A 133 -2.47 -17.57 2.86
N PHE A 134 -2.45 -16.53 2.03
CA PHE A 134 -3.48 -15.50 2.05
C PHE A 134 -4.45 -15.69 0.88
N HIS A 135 -5.74 -15.60 1.18
CA HIS A 135 -6.75 -15.54 0.13
C HIS A 135 -6.57 -14.25 -0.67
N PRO A 136 -6.79 -14.29 -1.99
CA PRO A 136 -6.57 -13.06 -2.79
C PRO A 136 -7.41 -11.89 -2.35
N LEU A 137 -8.55 -12.15 -1.69
CA LEU A 137 -9.44 -11.06 -1.30
C LEU A 137 -8.80 -10.15 -0.27
N THR A 138 -7.83 -10.65 0.50
CA THR A 138 -7.12 -9.79 1.45
C THR A 138 -6.33 -8.70 0.74
N TYR A 139 -5.93 -8.95 -0.51
CA TYR A 139 -5.28 -7.90 -1.29
C TYR A 139 -6.26 -6.81 -1.69
N LEU A 140 -7.53 -7.16 -1.90
CA LEU A 140 -8.54 -6.13 -2.17
C LEU A 140 -8.74 -5.23 -0.96
N THR A 141 -8.70 -5.80 0.24
CA THR A 141 -8.91 -5.01 1.45
C THR A 141 -7.75 -4.06 1.74
N LEU A 142 -6.61 -4.24 1.09
CA LEU A 142 -5.52 -3.27 1.20
C LEU A 142 -5.85 -1.97 0.48
N VAL A 143 -6.76 -2.01 -0.50
CA VAL A 143 -7.14 -0.79 -1.20
C VAL A 143 -7.70 0.27 -0.24
N PRO A 144 -8.71 -0.03 0.59
CA PRO A 144 -9.18 1.00 1.53
C PRO A 144 -8.15 1.34 2.60
N ILE A 145 -7.31 0.39 3.01
CA ILE A 145 -6.30 0.67 4.03
C ILE A 145 -5.28 1.67 3.51
N VAL A 146 -4.66 1.36 2.36
CA VAL A 146 -3.65 2.25 1.81
C VAL A 146 -4.26 3.59 1.43
N SER A 147 -5.46 3.57 0.84
CA SER A 147 -6.12 4.82 0.48
C SER A 147 -6.51 5.62 1.71
N GLY A 148 -6.99 4.94 2.76
CA GLY A 148 -7.41 5.65 3.96
C GLY A 148 -6.25 6.32 4.67
N VAL A 149 -5.14 5.59 4.84
CA VAL A 149 -3.97 6.16 5.50
C VAL A 149 -3.39 7.30 4.67
N ALA A 150 -3.31 7.12 3.35
CA ALA A 150 -2.80 8.19 2.49
C ALA A 150 -3.67 9.43 2.57
N LEU A 151 -5.00 9.24 2.58
CA LEU A 151 -5.91 10.38 2.67
C LEU A 151 -5.82 11.05 4.04
N SER A 152 -5.68 10.26 5.10
CA SER A 152 -5.54 10.82 6.44
C SER A 152 -4.26 11.63 6.56
N ALA A 153 -3.14 11.10 6.04
CA ALA A 153 -1.88 11.82 6.10
C ALA A 153 -1.92 13.08 5.25
N ALA A 154 -2.58 13.03 4.09
CA ALA A 154 -2.62 14.19 3.21
C ALA A 154 -3.43 15.34 3.80
N THR A 155 -4.31 15.05 4.77
CA THR A 155 -5.16 16.07 5.38
C THR A 155 -4.84 16.31 6.84
N GLU A 156 -3.82 15.65 7.39
CA GLU A 156 -3.43 15.85 8.79
C GLU A 156 -2.63 17.14 8.92
N LEU A 157 -3.10 18.05 9.77
CA LEU A 157 -2.45 19.35 9.89
C LEU A 157 -1.04 19.24 10.46
N THR A 158 -0.82 18.30 11.37
CA THR A 158 0.46 18.16 12.05
C THR A 158 1.42 17.21 11.34
N PHE A 159 1.12 16.82 10.11
CA PHE A 159 1.89 15.77 9.44
C PHE A 159 3.35 16.16 9.27
N THR A 160 4.25 15.25 9.64
CA THR A 160 5.64 15.29 9.23
C THR A 160 6.02 13.89 8.75
N TRP A 161 6.99 13.84 7.82
CA TRP A 161 7.39 12.55 7.28
C TRP A 161 8.01 11.67 8.35
N THR A 162 8.78 12.27 9.27
CA THR A 162 9.40 11.49 10.34
C THR A 162 8.36 10.97 11.33
N GLY A 163 7.39 11.82 11.70
CA GLY A 163 6.32 11.36 12.58
C GLY A 163 5.51 10.24 11.98
N PHE A 164 5.35 10.24 10.65
CA PHE A 164 4.58 9.19 10.00
C PHE A 164 5.38 7.90 9.90
N ILE A 165 6.67 8.00 9.56
CA ILE A 165 7.48 6.81 9.33
C ILE A 165 7.79 6.10 10.65
N THR A 166 8.09 6.86 11.71
CA THR A 166 8.37 6.23 13.00
C THR A 166 7.17 5.45 13.51
N ALA A 167 5.96 5.99 13.31
CA ALA A 167 4.76 5.25 13.69
C ALA A 167 4.61 3.98 12.87
N MET A 168 4.93 4.04 11.58
CA MET A 168 4.85 2.86 10.73
C MET A 168 5.88 1.81 11.14
N ILE A 169 7.06 2.26 11.57
CA ILE A 169 8.09 1.33 12.04
C ILE A 169 7.60 0.55 13.26
N SER A 170 6.89 1.24 14.17
CA SER A 170 6.45 0.59 15.40
C SER A 170 5.50 -0.56 15.13
N ASN A 171 4.78 -0.52 14.00
CA ASN A 171 3.95 -1.65 13.61
C ASN A 171 4.78 -2.92 13.44
N VAL A 172 5.93 -2.80 12.77
CA VAL A 172 6.78 -3.96 12.54
C VAL A 172 7.39 -4.45 13.85
N ALA A 173 7.86 -3.52 14.68
CA ALA A 173 8.56 -3.88 15.91
C ALA A 173 7.62 -4.56 16.90
N PHE A 174 6.43 -3.99 17.10
CA PHE A 174 5.50 -4.54 18.08
C PHE A 174 4.94 -5.89 17.62
N VAL A 175 4.70 -6.04 16.32
CA VAL A 175 4.29 -7.34 15.80
C VAL A 175 5.39 -8.37 16.06
N THR A 176 6.65 -8.00 15.83
CA THR A 176 7.75 -8.87 16.19
C THR A 176 7.75 -9.18 17.68
N ARG A 177 7.48 -8.18 18.51
CA ARG A 177 7.40 -8.40 19.95
C ARG A 177 6.29 -9.39 20.30
N ASN A 178 5.09 -9.17 19.75
CA ASN A 178 3.94 -9.98 20.13
C ASN A 178 4.11 -11.43 19.70
N ILE A 179 4.68 -11.66 18.52
CA ILE A 179 4.83 -13.02 18.02
C ILE A 179 5.90 -13.76 18.81
N THR A 180 7.07 -13.13 18.99
CA THR A 180 8.14 -13.79 19.72
C THR A 180 7.78 -13.97 21.19
N SER A 181 7.08 -13.00 21.78
CA SER A 181 6.59 -13.16 23.15
C SER A 181 5.62 -14.32 23.25
N LYS A 182 4.77 -14.49 22.23
CA LYS A 182 3.82 -15.59 22.24
C LYS A 182 4.52 -16.94 22.20
N PHE A 183 5.64 -17.03 21.48
CA PHE A 183 6.45 -18.24 21.52
C PHE A 183 6.90 -18.55 22.93
N THR A 184 7.57 -17.58 23.57
CA THR A 184 8.11 -17.78 24.90
C THR A 184 7.02 -18.19 25.88
N MET A 185 5.87 -17.52 25.83
CA MET A 185 4.79 -17.82 26.75
C MET A 185 4.23 -19.23 26.54
N VAL A 186 4.27 -19.73 25.31
CA VAL A 186 3.83 -21.10 25.05
C VAL A 186 4.94 -22.09 25.34
N ASP A 187 6.19 -21.74 24.97
CA ASP A 187 7.31 -22.64 25.21
C ASP A 187 7.54 -22.87 26.70
N PHE A 188 7.16 -21.91 27.54
CA PHE A 188 7.31 -22.00 28.98
C PHE A 188 5.97 -22.12 29.69
N LYS A 189 5.01 -22.81 29.05
CA LYS A 189 3.65 -22.87 29.58
C LYS A 189 3.58 -23.61 30.92
N ASN A 190 4.41 -24.64 31.09
CA ASN A 190 4.40 -25.43 32.32
C ASN A 190 5.16 -24.75 33.46
N GLU A 191 5.95 -23.73 33.18
CA GLU A 191 6.67 -22.99 34.22
C GLU A 191 5.69 -22.04 34.90
N LYS A 192 5.16 -22.48 36.05
CA LYS A 192 4.09 -21.74 36.71
C LYS A 192 4.53 -20.36 37.19
N THR A 193 5.84 -20.14 37.40
CA THR A 193 6.32 -18.84 37.85
C THR A 193 6.32 -17.79 36.75
N LEU A 194 6.34 -18.20 35.48
CA LEU A 194 6.32 -17.26 34.37
C LEU A 194 4.87 -16.94 33.99
N ILE A 195 4.21 -16.22 34.91
CA ILE A 195 2.89 -15.69 34.61
C ILE A 195 3.05 -14.56 33.60
N ALA A 196 1.92 -14.09 33.06
CA ALA A 196 1.96 -13.10 31.98
C ALA A 196 2.66 -11.81 32.43
N GLN A 197 2.38 -11.37 33.66
CA GLN A 197 3.00 -10.14 34.14
C GLN A 197 4.52 -10.28 34.28
N ASN A 198 5.00 -11.48 34.58
CA ASN A 198 6.45 -11.67 34.70
C ASN A 198 7.13 -11.70 33.36
N THR A 199 6.45 -12.18 32.32
CA THR A 199 7.01 -12.13 30.97
C THR A 199 7.26 -10.70 30.53
N TYR A 200 6.28 -9.81 30.77
CA TYR A 200 6.50 -8.41 30.42
C TYR A 200 7.45 -7.73 31.40
N ALA A 201 7.45 -8.14 32.67
CA ALA A 201 8.38 -7.58 33.64
C ALA A 201 9.82 -7.76 33.19
N LEU A 202 10.18 -8.98 32.78
CA LEU A 202 11.53 -9.21 32.27
C LEU A 202 11.79 -8.44 30.99
N ILE A 203 10.76 -8.26 30.16
CA ILE A 203 10.94 -7.50 28.92
C ILE A 203 11.24 -6.05 29.21
N THR A 204 10.48 -5.44 30.12
CA THR A 204 10.69 -4.01 30.40
C THR A 204 12.02 -3.76 31.12
N ILE A 205 12.53 -4.76 31.85
CA ILE A 205 13.86 -4.61 32.45
C ILE A 205 14.93 -4.68 31.37
N ILE A 206 14.85 -5.69 30.49
CA ILE A 206 15.81 -5.79 29.39
C ILE A 206 15.68 -4.59 28.46
N SER A 207 14.44 -4.18 28.17
CA SER A 207 14.22 -3.06 27.24
C SER A 207 14.83 -1.78 27.76
N PHE A 208 14.78 -1.57 29.09
CA PHE A 208 15.36 -0.36 29.66
C PHE A 208 16.85 -0.25 29.34
N PHE A 209 17.60 -1.32 29.58
CA PHE A 209 19.03 -1.29 29.32
C PHE A 209 19.33 -1.31 27.82
N MET A 210 18.41 -1.84 27.01
CA MET A 210 18.58 -1.76 25.57
C MET A 210 18.49 -0.33 25.08
N GLU A 211 17.53 0.45 25.59
CA GLU A 211 17.33 1.80 25.08
C GLU A 211 18.23 2.81 25.75
N LEU A 212 18.63 2.56 27.00
CA LEU A 212 19.37 3.54 27.79
C LEU A 212 20.58 4.15 27.08
N PRO A 213 21.47 3.38 26.44
CA PRO A 213 22.61 4.03 25.77
C PRO A 213 22.20 4.91 24.61
N PHE A 214 21.19 4.50 23.83
CA PHE A 214 20.72 5.34 22.74
C PHE A 214 20.14 6.65 23.26
N ALA A 215 19.35 6.59 24.33
CA ALA A 215 18.72 7.80 24.86
C ALA A 215 19.77 8.80 25.31
N LEU A 216 20.81 8.33 26.00
CA LEU A 216 21.85 9.23 26.48
C LEU A 216 22.65 9.81 25.32
N LEU A 217 22.91 8.98 24.29
CA LEU A 217 23.64 9.47 23.13
C LEU A 217 22.80 10.46 22.31
N MET A 218 21.50 10.23 22.23
CA MET A 218 20.65 11.09 21.41
C MET A 218 20.33 12.41 22.10
N GLU A 219 20.08 12.39 23.40
CA GLU A 219 19.57 13.57 24.10
C GLU A 219 20.33 13.94 25.37
N GLY A 220 21.24 13.10 25.85
CA GLY A 220 21.98 13.44 27.05
C GLY A 220 21.08 13.43 28.28
N PHE A 221 21.31 14.39 29.17
CA PHE A 221 20.53 14.56 30.39
C PHE A 221 19.74 15.86 30.27
N PRO A 222 18.51 15.81 29.74
CA PRO A 222 17.77 17.06 29.47
C PRO A 222 17.45 17.79 30.76
N PRO A 223 17.57 19.12 30.77
CA PRO A 223 17.22 19.88 31.98
C PRO A 223 15.73 19.76 32.29
N LEU A 224 15.43 19.64 33.58
CA LEU A 224 14.04 19.49 34.05
C LEU A 224 13.39 20.86 34.06
N VAL A 225 13.02 21.32 32.87
CA VAL A 225 12.41 22.64 32.67
C VAL A 225 11.24 22.50 31.70
N SER A 226 10.13 23.14 32.04
CA SER A 226 8.95 23.09 31.19
C SER A 226 9.03 24.14 30.08
N ALA A 227 8.89 23.69 28.83
CA ALA A 227 8.80 24.61 27.71
C ALA A 227 7.49 25.40 27.71
N ILE A 228 6.53 25.02 28.53
CA ILE A 228 5.30 25.77 28.73
C ILE A 228 5.52 26.66 29.94
N ALA A 229 5.54 27.98 29.71
CA ALA A 229 5.87 28.91 30.77
C ALA A 229 4.82 28.86 31.89
N GLY A 230 5.29 28.90 33.13
CA GLY A 230 4.43 28.89 34.29
C GLY A 230 4.27 27.55 34.97
N VAL A 231 4.71 26.48 34.33
CA VAL A 231 4.61 25.14 34.91
C VAL A 231 5.85 24.87 35.75
N SER A 232 5.64 24.59 37.04
CA SER A 232 6.74 24.37 37.96
C SER A 232 7.48 23.06 37.63
N LYS A 233 8.70 22.94 38.15
CA LYS A 233 9.46 21.71 37.96
C LYS A 233 8.80 20.54 38.67
N ALA A 234 8.15 20.79 39.80
CA ALA A 234 7.44 19.72 40.50
C ALA A 234 6.28 19.20 39.66
N LYS A 235 5.56 20.11 38.97
CA LYS A 235 4.48 19.69 38.09
C LYS A 235 5.02 18.90 36.90
N LEU A 236 6.17 19.31 36.37
CA LEU A 236 6.78 18.55 35.27
C LEU A 236 7.24 17.17 35.74
N PHE A 237 7.82 17.09 36.94
CA PHE A 237 8.27 15.80 37.45
C PHE A 237 7.09 14.88 37.75
N GLY A 238 6.02 15.42 38.33
CA GLY A 238 4.84 14.61 38.58
C GLY A 238 4.23 14.07 37.30
N SER A 239 4.23 14.87 36.24
CA SER A 239 3.69 14.42 34.97
C SER A 239 4.54 13.31 34.37
N ILE A 240 5.86 13.42 34.47
CA ILE A 240 6.76 12.37 33.98
C ILE A 240 6.49 11.08 34.72
N MET A 241 6.40 11.15 36.05
CA MET A 241 6.18 9.93 36.84
C MET A 241 4.76 9.39 36.64
N PHE A 242 3.79 10.27 36.41
CA PHE A 242 2.41 9.83 36.26
C PHE A 242 2.23 9.05 34.96
N CYS A 243 2.74 9.57 33.85
CA CYS A 243 2.61 8.86 32.58
C CYS A 243 3.50 7.62 32.54
N SER A 244 4.59 7.60 33.31
CA SER A 244 5.44 6.42 33.36
C SER A 244 4.74 5.29 34.13
N LEU A 245 4.01 5.63 35.20
CA LEU A 245 3.30 4.61 35.96
C LEU A 245 2.23 3.94 35.10
N PHE A 246 1.44 4.75 34.38
CA PHE A 246 0.37 4.19 33.57
C PHE A 246 0.88 3.60 32.26
N TYR A 247 2.06 4.02 31.78
CA TYR A 247 2.68 3.31 30.67
C TYR A 247 2.89 1.85 31.04
N HIS A 248 3.45 1.59 32.22
CA HIS A 248 3.74 0.22 32.61
C HIS A 248 2.47 -0.57 32.88
N LEU A 249 1.49 0.07 33.53
CA LEU A 249 0.26 -0.64 33.87
C LEU A 249 -0.49 -1.12 32.63
N TYR A 250 -0.59 -0.28 31.61
CA TYR A 250 -1.35 -0.68 30.41
C TYR A 250 -0.62 -1.80 29.66
N ASN A 251 0.71 -1.72 29.57
CA ASN A 251 1.46 -2.78 28.92
C ASN A 251 1.42 -4.07 29.73
N GLU A 252 1.46 -3.95 31.06
CA GLU A 252 1.40 -5.13 31.91
C GLU A 252 0.06 -5.84 31.77
N VAL A 253 -1.03 -5.08 31.83
CA VAL A 253 -2.35 -5.67 31.63
C VAL A 253 -2.51 -6.22 30.21
N SER A 254 -1.89 -5.57 29.22
CA SER A 254 -2.02 -6.05 27.84
C SER A 254 -1.40 -7.43 27.67
N TYR A 255 -0.38 -7.77 28.46
CA TYR A 255 0.21 -9.10 28.36
C TYR A 255 -0.66 -10.17 28.99
N LEU A 256 -1.55 -9.78 29.92
CA LEU A 256 -2.63 -10.68 30.31
C LEU A 256 -3.56 -10.98 29.14
N CYS A 257 -3.89 -9.94 28.36
CA CYS A 257 -4.71 -10.14 27.17
C CYS A 257 -3.99 -10.99 26.14
N LEU A 258 -2.72 -10.68 25.88
CA LEU A 258 -1.93 -11.48 24.94
C LEU A 258 -1.87 -12.93 25.39
N ASP A 259 -1.85 -13.19 26.70
CA ASP A 259 -1.80 -14.55 27.19
C ASP A 259 -3.04 -15.35 26.81
N ASN A 260 -4.16 -14.67 26.60
CA ASN A 260 -5.45 -15.34 26.37
C ASN A 260 -5.90 -15.33 24.92
N VAL A 261 -5.17 -14.66 24.01
CA VAL A 261 -5.54 -14.59 22.60
C VAL A 261 -4.30 -14.80 21.75
N SER A 262 -4.51 -14.99 20.45
CA SER A 262 -3.44 -15.12 19.48
C SER A 262 -2.80 -13.75 19.22
N PRO A 263 -1.58 -13.72 18.66
CA PRO A 263 -0.96 -12.42 18.34
C PRO A 263 -1.79 -11.56 17.40
N VAL A 264 -2.44 -12.18 16.41
CA VAL A 264 -3.26 -11.42 15.47
C VAL A 264 -4.47 -10.84 16.19
N SER A 265 -5.14 -11.64 17.02
CA SER A 265 -6.26 -11.12 17.81
C SER A 265 -5.81 -10.01 18.73
N PHE A 266 -4.58 -10.08 19.24
CA PHE A 266 -4.05 -9.01 20.09
C PHE A 266 -3.94 -7.71 19.31
N SER A 267 -3.46 -7.76 18.07
CA SER A 267 -3.37 -6.55 17.26
C SER A 267 -4.75 -6.01 16.89
N ILE A 268 -5.72 -6.91 16.69
CA ILE A 268 -7.10 -6.46 16.49
C ILE A 268 -7.60 -5.73 17.73
N GLY A 269 -7.31 -6.28 18.91
CA GLY A 269 -7.66 -5.58 20.14
C GLY A 269 -6.96 -4.23 20.26
N ASN A 270 -5.76 -4.12 19.71
CA ASN A 270 -5.06 -2.84 19.70
C ASN A 270 -5.78 -1.83 18.81
N THR A 271 -6.24 -2.27 17.64
CA THR A 271 -6.92 -1.34 16.72
C THR A 271 -8.20 -0.80 17.34
N ILE A 272 -8.93 -1.64 18.08
CA ILE A 272 -10.08 -1.16 18.83
C ILE A 272 -9.64 -0.13 19.87
N LYS A 273 -8.50 -0.37 20.52
CA LYS A 273 -7.96 0.58 21.48
C LYS A 273 -7.69 1.94 20.83
N ARG A 274 -7.18 1.93 19.59
CA ARG A 274 -6.80 3.19 18.95
C ARG A 274 -8.01 4.03 18.62
N VAL A 275 -9.14 3.41 18.25
CA VAL A 275 -10.37 4.18 18.04
C VAL A 275 -10.74 4.91 19.32
N ILE A 276 -10.57 4.27 20.48
CA ILE A 276 -10.87 4.91 21.75
C ILE A 276 -9.90 6.05 22.02
N ILE A 277 -8.61 5.82 21.79
CA ILE A 277 -7.61 6.85 22.03
C ILE A 277 -7.78 8.01 21.06
N ILE A 278 -8.10 7.71 19.80
CA ILE A 278 -8.28 8.76 18.80
C ILE A 278 -9.46 9.65 19.19
N PHE A 279 -10.60 9.05 19.54
CA PHE A 279 -11.76 9.83 19.95
C PHE A 279 -11.45 10.63 21.21
N GLY A 280 -10.84 9.99 22.21
CA GLY A 280 -10.57 10.68 23.45
C GLY A 280 -9.54 11.79 23.31
N SER A 281 -8.47 11.54 22.55
CA SER A 281 -7.40 12.52 22.46
C SER A 281 -7.83 13.76 21.68
N ILE A 282 -8.65 13.59 20.64
CA ILE A 282 -9.08 14.77 19.89
C ILE A 282 -10.07 15.59 20.71
N LEU A 283 -10.81 14.96 21.63
CA LEU A 283 -11.69 15.72 22.51
C LEU A 283 -10.89 16.45 23.59
N VAL A 284 -9.95 15.75 24.22
CA VAL A 284 -9.16 16.36 25.29
C VAL A 284 -8.33 17.51 24.75
N PHE A 285 -7.69 17.31 23.60
CA PHE A 285 -6.77 18.29 23.05
C PHE A 285 -7.43 19.25 22.06
N ARG A 286 -8.72 19.09 21.78
CA ARG A 286 -9.43 19.91 20.80
C ARG A 286 -8.69 19.90 19.47
N THR A 287 -8.31 18.70 19.04
CA THR A 287 -7.55 18.55 17.82
C THR A 287 -8.40 18.92 16.61
N PRO A 288 -7.93 19.81 15.74
CA PRO A 288 -8.72 20.14 14.54
C PRO A 288 -8.76 18.96 13.58
N VAL A 289 -9.97 18.58 13.18
CA VAL A 289 -10.19 17.46 12.28
C VAL A 289 -11.17 17.90 11.20
N THR A 290 -10.75 17.80 9.93
CA THR A 290 -11.62 18.11 8.82
C THR A 290 -12.42 16.87 8.40
N ARG A 291 -13.41 17.10 7.52
CA ARG A 291 -14.25 16.00 7.04
C ARG A 291 -13.41 14.96 6.31
N LEU A 292 -12.57 15.40 5.37
CA LEU A 292 -11.73 14.47 4.62
C LEU A 292 -10.80 13.70 5.55
N ASN A 293 -10.29 14.35 6.59
CA ASN A 293 -9.38 13.67 7.51
C ASN A 293 -10.11 12.62 8.33
N PHE A 294 -11.32 12.94 8.80
CA PHE A 294 -12.10 11.94 9.51
C PHE A 294 -12.47 10.78 8.61
N ILE A 295 -12.83 11.07 7.35
CA ILE A 295 -13.22 10.03 6.41
C ILE A 295 -12.03 9.15 6.07
N GLY A 296 -10.86 9.76 5.83
CA GLY A 296 -9.68 8.96 5.52
C GLY A 296 -9.32 8.01 6.65
N SER A 297 -9.29 8.51 7.89
CA SER A 297 -8.94 7.67 9.02
C SER A 297 -9.98 6.57 9.22
N THR A 298 -11.26 6.89 9.01
CA THR A 298 -12.31 5.90 9.20
C THR A 298 -12.24 4.80 8.15
N ILE A 299 -11.96 5.17 6.90
CA ILE A 299 -11.85 4.18 5.83
C ILE A 299 -10.68 3.24 6.11
N ALA A 300 -9.58 3.77 6.62
CA ALA A 300 -8.39 2.93 6.87
C ALA A 300 -8.66 1.91 7.96
N ILE A 301 -9.40 2.29 9.01
CA ILE A 301 -9.64 1.38 10.11
C ILE A 301 -10.72 0.35 9.73
N ILE A 302 -11.74 0.79 8.98
CA ILE A 302 -12.70 -0.16 8.43
C ILE A 302 -11.98 -1.17 7.54
N GLY A 303 -11.05 -0.70 6.72
CA GLY A 303 -10.31 -1.62 5.86
C GLY A 303 -9.47 -2.61 6.64
N THR A 304 -8.90 -2.17 7.76
CA THR A 304 -8.14 -3.09 8.61
C THR A 304 -9.04 -4.17 9.19
N MET A 305 -10.25 -3.81 9.61
CA MET A 305 -11.19 -4.81 10.12
C MET A 305 -11.64 -5.75 9.02
N LEU A 306 -11.92 -5.22 7.83
CA LEU A 306 -12.29 -6.08 6.70
C LEU A 306 -11.16 -7.02 6.33
N TYR A 307 -9.93 -6.50 6.30
CA TYR A 307 -8.76 -7.36 6.06
C TYR A 307 -8.72 -8.51 7.07
N SER A 308 -8.91 -8.18 8.35
CA SER A 308 -8.90 -9.21 9.39
C SER A 308 -10.05 -10.18 9.21
N LEU A 309 -11.23 -9.67 8.85
CA LEU A 309 -12.37 -10.56 8.58
C LEU A 309 -12.11 -11.46 7.39
N ALA A 310 -11.51 -10.92 6.33
CA ALA A 310 -11.21 -11.73 5.15
C ALA A 310 -10.19 -12.81 5.49
N LYS A 311 -9.14 -12.45 6.21
CA LYS A 311 -8.14 -13.44 6.60
C LYS A 311 -8.74 -14.54 7.47
N ALA A 312 -9.64 -14.17 8.38
CA ALA A 312 -10.15 -15.15 9.34
C ALA A 312 -11.19 -16.05 8.70
N LYS A 313 -12.03 -15.50 7.81
CA LYS A 313 -13.15 -16.23 7.26
C LYS A 313 -12.82 -16.95 5.94
N LEU A 314 -11.59 -16.84 5.45
CA LEU A 314 -11.22 -17.44 4.17
C LEU A 314 -10.01 -18.35 4.36
N PRO A 315 -10.04 -19.58 3.79
CA PRO A 315 -9.13 -20.71 4.04
C PRO A 315 -7.66 -20.35 4.17
N SER B 11 14.00 -26.87 -31.84
CA SER B 11 13.84 -25.82 -32.84
C SER B 11 12.42 -25.22 -32.92
N PRO B 12 11.36 -26.05 -33.01
CA PRO B 12 10.02 -25.46 -33.13
C PRO B 12 9.63 -24.58 -31.95
N THR B 13 9.98 -25.00 -30.73
CA THR B 13 9.64 -24.17 -29.57
C THR B 13 10.49 -22.91 -29.52
N LEU B 14 11.77 -23.01 -29.91
CA LEU B 14 12.62 -21.82 -29.96
C LEU B 14 12.21 -20.89 -31.08
N VAL B 15 11.81 -21.45 -32.24
CA VAL B 15 11.28 -20.63 -33.32
C VAL B 15 10.08 -19.81 -32.83
N HIS B 16 9.20 -20.45 -32.04
CA HIS B 16 8.01 -19.75 -31.55
C HIS B 16 8.38 -18.65 -30.56
N THR B 17 9.27 -18.94 -29.63
CA THR B 17 9.66 -17.93 -28.64
C THR B 17 10.40 -16.77 -29.29
N LEU B 18 11.14 -17.03 -30.37
CA LEU B 18 11.77 -15.93 -31.10
C LEU B 18 10.72 -15.07 -31.79
N LYS B 19 9.73 -15.69 -32.43
CA LYS B 19 8.65 -14.92 -33.04
C LYS B 19 7.86 -14.14 -31.99
N VAL B 20 7.60 -14.76 -30.84
CA VAL B 20 6.95 -14.05 -29.74
C VAL B 20 7.82 -12.90 -29.24
N GLY B 21 9.14 -13.13 -29.20
CA GLY B 21 10.04 -12.06 -28.79
C GLY B 21 10.00 -10.87 -29.73
N PHE B 22 9.89 -11.14 -31.04
CA PHE B 22 9.76 -10.07 -32.01
C PHE B 22 8.45 -9.30 -31.83
N TYR B 23 7.40 -10.00 -31.39
CA TYR B 23 6.14 -9.31 -31.09
C TYR B 23 6.34 -8.31 -29.94
N PHE B 24 7.01 -8.74 -28.87
CA PHE B 24 7.29 -7.84 -27.75
C PHE B 24 8.09 -6.63 -28.21
N PHE B 25 9.05 -6.85 -29.12
CA PHE B 25 9.85 -5.74 -29.62
C PHE B 25 8.99 -4.73 -30.37
N LEU B 26 8.12 -5.21 -31.26
CA LEU B 26 7.22 -4.31 -31.97
C LEU B 26 6.28 -3.60 -30.99
N TRP B 27 5.81 -4.33 -29.98
CA TRP B 27 4.99 -3.73 -28.93
C TRP B 27 5.74 -2.56 -28.28
N TYR B 28 6.97 -2.81 -27.85
CA TYR B 28 7.75 -1.76 -27.20
C TYR B 28 8.07 -0.63 -28.18
N PHE B 29 8.45 -0.98 -29.40
CA PHE B 29 8.86 0.03 -30.38
C PHE B 29 7.69 0.91 -30.77
N PHE B 30 6.55 0.31 -31.12
CA PHE B 30 5.37 1.10 -31.46
C PHE B 30 4.89 1.93 -30.28
N ASN B 31 4.99 1.40 -29.07
CA ASN B 31 4.49 2.12 -27.90
C ASN B 31 5.36 3.33 -27.57
N PHE B 32 6.67 3.26 -27.84
CA PHE B 32 7.52 4.42 -27.63
C PHE B 32 7.19 5.53 -28.61
N ILE B 33 7.05 5.20 -29.89
CA ILE B 33 6.64 6.18 -30.88
C ILE B 33 5.31 6.80 -30.48
N PHE B 34 4.35 5.97 -30.03
CA PHE B 34 3.06 6.50 -29.64
C PHE B 34 3.19 7.48 -28.47
N ASN B 35 3.92 7.08 -27.42
CA ASN B 35 3.97 7.88 -26.20
C ASN B 35 4.56 9.26 -26.47
N ILE B 36 5.61 9.34 -27.28
CA ILE B 36 6.20 10.63 -27.61
C ILE B 36 5.21 11.48 -28.40
N ALA B 37 4.59 10.89 -29.43
CA ALA B 37 3.68 11.65 -30.26
C ALA B 37 2.41 12.02 -29.51
N ASN B 38 1.92 11.11 -28.65
CA ASN B 38 0.70 11.38 -27.89
C ASN B 38 0.90 12.55 -26.93
N LYS B 39 2.04 12.59 -26.23
CA LYS B 39 2.29 13.68 -25.30
C LYS B 39 2.50 15.00 -26.05
N ARG B 40 3.21 14.96 -27.18
CA ARG B 40 3.37 16.16 -27.99
C ARG B 40 2.03 16.67 -28.51
N THR B 41 1.09 15.76 -28.78
CA THR B 41 -0.24 16.19 -29.20
C THR B 41 -1.01 16.80 -28.03
N LEU B 42 -0.93 16.19 -26.84
CA LEU B 42 -1.62 16.73 -25.69
C LEU B 42 -1.07 18.08 -25.27
N ASN B 43 0.22 18.33 -25.49
CA ASN B 43 0.78 19.65 -25.21
C ASN B 43 0.16 20.71 -26.11
N MET B 44 -0.15 20.34 -27.36
CA MET B 44 -0.78 21.28 -28.29
C MET B 44 -2.29 21.33 -28.13
N TRP B 45 -2.91 20.19 -27.78
CA TRP B 45 -4.35 19.97 -27.92
C TRP B 45 -4.81 19.13 -26.72
N LYS B 46 -5.05 19.83 -25.60
CA LYS B 46 -5.24 19.17 -24.31
C LYS B 46 -6.71 18.77 -24.12
N TYR B 47 -7.08 17.71 -24.83
CA TYR B 47 -8.44 17.16 -24.80
C TYR B 47 -8.33 15.65 -24.70
N PRO B 48 -8.06 15.12 -23.50
CA PRO B 48 -7.79 13.67 -23.38
C PRO B 48 -8.96 12.78 -23.74
N TRP B 49 -10.19 13.17 -23.38
CA TRP B 49 -11.36 12.36 -23.72
C TRP B 49 -11.49 12.21 -25.23
N VAL B 50 -11.41 13.32 -25.95
CA VAL B 50 -11.62 13.30 -27.40
C VAL B 50 -10.43 12.67 -28.11
N LEU B 51 -9.21 12.97 -27.64
CA LEU B 51 -8.02 12.40 -28.29
C LEU B 51 -7.99 10.89 -28.14
N SER B 52 -8.28 10.39 -26.93
CA SER B 52 -8.29 8.94 -26.74
C SER B 52 -9.42 8.29 -27.53
N THR B 53 -10.55 8.98 -27.70
CA THR B 53 -11.63 8.45 -28.52
C THR B 53 -11.23 8.41 -29.99
N ILE B 54 -10.56 9.46 -30.47
CA ILE B 54 -10.08 9.47 -31.85
C ILE B 54 -9.12 8.30 -32.09
N GLN B 55 -8.25 8.02 -31.12
CA GLN B 55 -7.28 6.95 -31.31
C GLN B 55 -7.96 5.59 -31.42
N LEU B 56 -9.03 5.37 -30.66
CA LEU B 56 -9.81 4.14 -30.81
C LEU B 56 -10.49 4.09 -32.17
N GLY B 57 -11.06 5.22 -32.61
CA GLY B 57 -11.78 5.23 -33.87
C GLY B 57 -10.86 5.05 -35.06
N VAL B 58 -9.69 5.70 -35.03
CA VAL B 58 -8.72 5.52 -36.11
C VAL B 58 -8.28 4.07 -36.17
N GLY B 59 -8.11 3.42 -35.02
CA GLY B 59 -7.81 2.00 -35.01
C GLY B 59 -8.96 1.18 -35.58
N ALA B 60 -10.19 1.52 -35.22
CA ALA B 60 -11.35 0.84 -35.77
C ALA B 60 -11.40 0.98 -37.29
N LEU B 61 -11.11 2.17 -37.80
CA LEU B 61 -11.13 2.39 -39.25
C LEU B 61 -10.00 1.63 -39.94
N TYR B 62 -8.81 1.62 -39.33
CA TYR B 62 -7.68 0.88 -39.89
C TYR B 62 -8.01 -0.60 -40.04
N CYS B 63 -8.68 -1.18 -39.04
CA CYS B 63 -9.01 -2.60 -39.10
C CYS B 63 -10.06 -2.89 -40.14
N THR B 64 -11.06 -2.01 -40.28
CA THR B 64 -12.10 -2.22 -41.28
C THR B 64 -11.53 -2.14 -42.69
N PHE B 65 -10.52 -1.29 -42.91
CA PHE B 65 -9.89 -1.24 -44.22
C PHE B 65 -9.21 -2.56 -44.56
N LEU B 66 -8.51 -3.16 -43.59
CA LEU B 66 -7.89 -4.46 -43.83
C LEU B 66 -8.93 -5.51 -44.19
N TRP B 67 -10.08 -5.50 -43.50
CA TRP B 67 -11.14 -6.46 -43.79
C TRP B 67 -11.74 -6.21 -45.17
N VAL B 68 -12.03 -4.95 -45.49
CA VAL B 68 -12.69 -4.63 -46.75
C VAL B 68 -11.78 -4.93 -47.94
N LEU B 69 -10.48 -4.64 -47.80
CA LEU B 69 -9.52 -4.88 -48.87
C LEU B 69 -9.03 -6.32 -48.93
N GLY B 70 -9.50 -7.18 -48.03
CA GLY B 70 -9.06 -8.56 -48.05
C GLY B 70 -7.63 -8.77 -47.56
N LEU B 71 -7.09 -7.83 -46.80
CA LEU B 71 -5.76 -7.96 -46.24
C LEU B 71 -5.72 -8.73 -44.93
N ARG B 72 -6.87 -8.99 -44.32
CA ARG B 72 -6.95 -9.73 -43.07
C ARG B 72 -8.24 -10.51 -43.05
N THR B 73 -8.16 -11.75 -42.55
CA THR B 73 -9.34 -12.60 -42.46
C THR B 73 -10.43 -11.92 -41.63
N LYS B 74 -11.66 -11.96 -42.12
CA LYS B 74 -12.75 -11.36 -41.39
C LYS B 74 -13.23 -12.30 -40.28
N PRO B 75 -13.47 -11.79 -39.07
CA PRO B 75 -13.93 -12.65 -37.99
C PRO B 75 -15.41 -12.98 -38.12
N ASN B 76 -15.76 -14.21 -37.73
CA ASN B 76 -17.16 -14.62 -37.67
C ASN B 76 -17.75 -14.08 -36.37
N VAL B 77 -18.46 -12.97 -36.46
CA VAL B 77 -19.01 -12.30 -35.29
C VAL B 77 -20.35 -12.95 -34.95
N SER B 78 -20.46 -13.48 -33.74
CA SER B 78 -21.69 -14.07 -33.23
C SER B 78 -22.14 -13.31 -31.99
N LYS B 79 -23.38 -13.59 -31.58
CA LYS B 79 -23.91 -12.98 -30.37
C LYS B 79 -23.07 -13.36 -29.15
N LYS B 80 -22.63 -14.62 -29.08
CA LYS B 80 -21.81 -15.05 -27.95
C LYS B 80 -20.49 -14.29 -27.88
N LEU B 81 -19.88 -14.04 -29.03
CA LEU B 81 -18.59 -13.35 -29.04
C LEU B 81 -18.73 -11.90 -28.59
N ILE B 82 -19.80 -11.23 -29.02
CA ILE B 82 -20.01 -9.84 -28.63
C ILE B 82 -20.23 -9.72 -27.12
N LYS B 83 -20.99 -10.66 -26.54
CA LYS B 83 -21.18 -10.64 -25.10
C LYS B 83 -19.87 -10.90 -24.37
N ALA B 84 -19.02 -11.78 -24.92
CA ALA B 84 -17.74 -12.08 -24.31
C ALA B 84 -16.73 -10.95 -24.46
N LEU B 85 -17.02 -9.94 -25.29
CA LEU B 85 -16.11 -8.83 -25.52
C LEU B 85 -16.55 -7.53 -24.87
N ILE B 86 -17.63 -7.55 -24.10
CA ILE B 86 -18.12 -6.32 -23.48
C ILE B 86 -17.22 -5.92 -22.31
N TRP B 87 -16.90 -6.86 -21.44
CA TRP B 87 -16.02 -6.57 -20.30
C TRP B 87 -14.59 -6.31 -20.76
N PRO B 88 -14.04 -7.05 -21.74
CA PRO B 88 -12.76 -6.61 -22.32
C PRO B 88 -12.81 -5.18 -22.84
N SER B 89 -13.91 -4.78 -23.48
CA SER B 89 -14.01 -3.43 -24.01
C SER B 89 -14.25 -2.41 -22.91
N LEU B 90 -14.98 -2.80 -21.86
CA LEU B 90 -15.16 -1.90 -20.72
C LEU B 90 -13.83 -1.60 -20.03
N GLY B 91 -13.03 -2.64 -19.79
CA GLY B 91 -11.73 -2.43 -19.18
C GLY B 91 -10.80 -1.64 -20.07
N HIS B 92 -10.87 -1.88 -21.38
CA HIS B 92 -10.02 -1.14 -22.31
C HIS B 92 -10.40 0.32 -22.37
N THR B 93 -11.70 0.61 -22.48
CA THR B 93 -12.16 1.99 -22.58
C THR B 93 -11.83 2.78 -21.32
N LEU B 94 -12.10 2.18 -20.15
CA LEU B 94 -11.84 2.88 -18.90
C LEU B 94 -10.34 3.09 -18.67
N GLY B 95 -9.54 2.08 -18.98
CA GLY B 95 -8.09 2.23 -18.83
C GLY B 95 -7.51 3.23 -19.81
N HIS B 96 -7.96 3.18 -21.07
CA HIS B 96 -7.47 4.11 -22.09
C HIS B 96 -7.85 5.54 -21.74
N ALA B 97 -9.11 5.76 -21.35
CA ALA B 97 -9.54 7.12 -21.00
C ALA B 97 -8.85 7.62 -19.73
N ALA B 98 -8.63 6.73 -18.75
CA ALA B 98 -7.96 7.15 -17.52
C ALA B 98 -6.48 7.43 -17.78
N THR B 99 -5.84 6.59 -18.58
CA THR B 99 -4.42 6.78 -18.86
C THR B 99 -4.18 8.07 -19.65
N CYS B 100 -5.00 8.32 -20.66
CA CYS B 100 -4.86 9.54 -21.43
C CYS B 100 -5.10 10.78 -20.56
N MET B 101 -6.07 10.70 -19.65
CA MET B 101 -6.29 11.80 -18.72
C MET B 101 -5.04 12.05 -17.87
N SER B 102 -4.39 10.98 -17.42
CA SER B 102 -3.16 11.14 -16.66
C SER B 102 -2.05 11.71 -17.52
N PHE B 103 -1.93 11.25 -18.77
CA PHE B 103 -0.94 11.80 -19.69
C PHE B 103 -1.10 13.30 -19.84
N SER B 104 -2.34 13.80 -19.81
CA SER B 104 -2.59 15.22 -20.04
C SER B 104 -2.33 16.06 -18.80
N LEU B 105 -2.23 15.46 -17.62
CA LEU B 105 -2.14 16.21 -16.38
C LEU B 105 -0.75 16.21 -15.77
N VAL B 106 0.03 15.16 -15.98
CA VAL B 106 1.37 15.04 -15.41
C VAL B 106 2.33 14.63 -16.52
N ALA B 107 3.62 14.63 -16.19
CA ALA B 107 4.62 14.08 -17.09
C ALA B 107 4.36 12.59 -17.27
N ILE B 108 4.43 12.13 -18.53
CA ILE B 108 4.09 10.74 -18.82
C ILE B 108 5.05 9.78 -18.16
N SER B 109 6.25 10.23 -17.79
CA SER B 109 7.16 9.38 -17.03
C SER B 109 6.56 9.02 -15.69
N PHE B 110 5.85 9.95 -15.06
CA PHE B 110 5.21 9.66 -13.78
C PHE B 110 4.01 8.75 -13.97
N THR B 111 3.25 8.93 -15.05
CA THR B 111 2.13 8.05 -15.34
C THR B 111 2.58 6.61 -15.47
N HIS B 112 3.69 6.38 -16.18
CA HIS B 112 4.18 5.03 -16.38
C HIS B 112 4.82 4.45 -15.13
N VAL B 113 5.27 5.29 -14.20
CA VAL B 113 5.73 4.78 -12.91
C VAL B 113 4.56 4.22 -12.11
N VAL B 114 3.43 4.94 -12.12
CA VAL B 114 2.25 4.44 -11.42
C VAL B 114 1.72 3.18 -12.09
N LYS B 115 1.69 3.15 -13.43
CA LYS B 115 1.24 1.96 -14.13
C LYS B 115 2.25 0.82 -14.07
N SER B 116 3.47 1.08 -13.59
CA SER B 116 4.43 -0.01 -13.43
C SER B 116 4.01 -1.01 -12.37
N ALA B 117 3.07 -0.64 -11.50
CA ALA B 117 2.56 -1.54 -10.48
C ALA B 117 1.50 -2.51 -11.01
N GLU B 118 1.22 -2.45 -12.32
CA GLU B 118 0.22 -3.31 -12.95
C GLU B 118 0.38 -4.80 -12.65
N PRO B 119 1.58 -5.39 -12.64
CA PRO B 119 1.67 -6.84 -12.34
C PRO B 119 1.13 -7.23 -10.98
N VAL B 120 1.14 -6.32 -10.00
CA VAL B 120 0.55 -6.65 -8.70
C VAL B 120 -0.96 -6.81 -8.84
N PHE B 121 -1.62 -5.84 -9.47
CA PHE B 121 -3.05 -5.95 -9.75
C PHE B 121 -3.34 -7.18 -10.60
N GLY B 122 -2.46 -7.48 -11.56
CA GLY B 122 -2.69 -8.63 -12.42
C GLY B 122 -2.59 -9.94 -11.68
N ALA B 123 -1.63 -10.05 -10.76
CA ALA B 123 -1.50 -11.27 -9.96
C ALA B 123 -2.72 -11.48 -9.08
N VAL B 124 -3.21 -10.41 -8.45
CA VAL B 124 -4.39 -10.54 -7.60
C VAL B 124 -5.61 -10.95 -8.42
N GLY B 125 -5.80 -10.30 -9.58
CA GLY B 125 -6.94 -10.64 -10.42
C GLY B 125 -6.90 -12.08 -10.91
N SER B 126 -5.71 -12.57 -11.27
CA SER B 126 -5.60 -13.95 -11.73
C SER B 126 -5.85 -14.93 -10.59
N ALA B 127 -5.20 -14.71 -9.44
CA ALA B 127 -5.38 -15.61 -8.31
C ALA B 127 -6.83 -15.60 -7.81
N LEU B 128 -7.48 -14.45 -7.87
CA LEU B 128 -8.88 -14.36 -7.48
C LEU B 128 -9.76 -15.24 -8.38
N VAL B 129 -9.48 -15.24 -9.68
CA VAL B 129 -10.25 -16.05 -10.61
C VAL B 129 -9.89 -17.52 -10.49
N LEU B 130 -8.60 -17.81 -10.36
CA LEU B 130 -8.08 -19.17 -10.38
C LEU B 130 -8.11 -19.85 -9.02
N GLY B 131 -8.61 -19.18 -7.98
CA GLY B 131 -8.61 -19.76 -6.66
C GLY B 131 -7.24 -20.00 -6.08
N GLU B 132 -6.26 -19.18 -6.44
CA GLU B 132 -4.90 -19.32 -5.94
C GLU B 132 -4.73 -18.57 -4.61
N PHE B 133 -3.68 -18.94 -3.88
CA PHE B 133 -3.36 -18.31 -2.61
C PHE B 133 -1.97 -17.70 -2.66
N PHE B 134 -1.77 -16.67 -1.86
CA PHE B 134 -0.54 -15.87 -1.87
C PHE B 134 0.38 -16.27 -0.73
N HIS B 135 1.66 -16.40 -1.04
CA HIS B 135 2.67 -16.62 0.00
C HIS B 135 2.84 -15.34 0.81
N PRO B 136 3.08 -15.45 2.12
CA PRO B 136 3.22 -14.24 2.93
C PRO B 136 4.33 -13.31 2.48
N LEU B 137 5.37 -13.83 1.82
CA LEU B 137 6.49 -12.99 1.42
C LEU B 137 6.15 -12.02 0.30
N THR B 138 5.05 -12.27 -0.43
CA THR B 138 4.62 -11.28 -1.43
C THR B 138 4.13 -10.00 -0.76
N TYR B 139 3.67 -10.09 0.49
CA TYR B 139 3.30 -8.89 1.23
C TYR B 139 4.52 -8.05 1.58
N LEU B 140 5.66 -8.70 1.87
CA LEU B 140 6.87 -7.95 2.18
C LEU B 140 7.33 -7.15 0.97
N THR B 141 7.16 -7.69 -0.24
CA THR B 141 7.57 -6.97 -1.44
C THR B 141 6.70 -5.75 -1.72
N LEU B 142 5.51 -5.67 -1.11
CA LEU B 142 4.70 -4.46 -1.24
C LEU B 142 5.38 -3.25 -0.60
N VAL B 143 6.22 -3.49 0.40
CA VAL B 143 6.85 -2.38 1.11
C VAL B 143 7.68 -1.50 0.20
N PRO B 144 8.62 -2.02 -0.60
CA PRO B 144 9.32 -1.14 -1.55
C PRO B 144 8.42 -0.58 -2.64
N ILE B 145 7.34 -1.30 -3.01
CA ILE B 145 6.42 -0.79 -4.02
C ILE B 145 5.69 0.45 -3.49
N VAL B 146 5.05 0.31 -2.33
CA VAL B 146 4.33 1.42 -1.74
C VAL B 146 5.29 2.56 -1.38
N SER B 147 6.43 2.22 -0.78
CA SER B 147 7.38 3.26 -0.40
C SER B 147 7.94 3.98 -1.62
N GLY B 148 8.26 3.24 -2.67
CA GLY B 148 8.83 3.86 -3.86
C GLY B 148 7.84 4.76 -4.57
N VAL B 149 6.60 4.29 -4.76
CA VAL B 149 5.59 5.09 -5.42
C VAL B 149 5.27 6.32 -4.61
N ALA B 150 5.19 6.18 -3.28
CA ALA B 150 4.93 7.34 -2.43
C ALA B 150 6.08 8.34 -2.51
N LEU B 151 7.32 7.86 -2.46
CA LEU B 151 8.47 8.75 -2.58
C LEU B 151 8.49 9.41 -3.95
N SER B 152 8.19 8.65 -5.01
CA SER B 152 8.18 9.20 -6.35
C SER B 152 7.13 10.30 -6.49
N ALA B 153 5.92 10.04 -5.98
CA ALA B 153 4.86 11.04 -6.09
C ALA B 153 5.14 12.26 -5.22
N ALA B 154 5.78 12.06 -4.06
CA ALA B 154 6.08 13.20 -3.19
C ALA B 154 7.16 14.10 -3.78
N THR B 155 7.92 13.62 -4.76
CA THR B 155 9.00 14.38 -5.36
C THR B 155 8.76 14.70 -6.83
N GLU B 156 7.66 14.23 -7.42
CA GLU B 156 7.35 14.54 -8.80
C GLU B 156 6.91 15.99 -8.93
N LEU B 157 7.62 16.76 -9.76
CA LEU B 157 7.32 18.19 -9.88
C LEU B 157 5.93 18.43 -10.44
N THR B 158 5.44 17.55 -11.32
CA THR B 158 4.16 17.74 -11.98
C THR B 158 3.01 17.02 -11.28
N PHE B 159 3.21 16.56 -10.05
CA PHE B 159 2.21 15.75 -9.37
C PHE B 159 0.90 16.51 -9.22
N THR B 160 -0.19 15.86 -9.62
CA THR B 160 -1.54 16.24 -9.21
C THR B 160 -2.25 14.99 -8.75
N TRP B 161 -3.23 15.16 -7.84
CA TRP B 161 -3.95 14.01 -7.32
C TRP B 161 -4.75 13.31 -8.41
N THR B 162 -5.36 14.09 -9.32
CA THR B 162 -6.13 13.50 -10.40
C THR B 162 -5.23 12.73 -11.36
N GLY B 163 -4.06 13.27 -11.68
CA GLY B 163 -3.14 12.57 -12.56
C GLY B 163 -2.65 11.27 -11.96
N PHE B 164 -2.41 11.25 -10.65
CA PHE B 164 -1.95 10.04 -9.99
C PHE B 164 -3.07 9.00 -9.90
N ILE B 165 -4.29 9.43 -9.58
CA ILE B 165 -5.37 8.49 -9.32
C ILE B 165 -5.88 7.87 -10.62
N THR B 166 -5.96 8.66 -11.70
CA THR B 166 -6.39 8.10 -12.97
C THR B 166 -5.42 7.04 -13.47
N ALA B 167 -4.12 7.26 -13.25
CA ALA B 167 -3.13 6.26 -13.65
C ALA B 167 -3.28 4.99 -12.81
N MET B 168 -3.58 5.13 -11.52
CA MET B 168 -3.78 3.96 -10.68
C MET B 168 -5.05 3.21 -11.07
N ILE B 169 -6.09 3.94 -11.50
CA ILE B 169 -7.33 3.30 -11.91
C ILE B 169 -7.10 2.45 -13.16
N SER B 170 -6.26 2.93 -14.08
CA SER B 170 -6.04 2.19 -15.32
C SER B 170 -5.40 0.84 -15.07
N ASN B 171 -4.64 0.70 -13.97
CA ASN B 171 -4.11 -0.60 -13.60
C ASN B 171 -5.23 -1.62 -13.42
N VAL B 172 -6.28 -1.23 -12.70
CA VAL B 172 -7.40 -2.13 -12.47
C VAL B 172 -8.15 -2.41 -13.76
N ALA B 173 -8.37 -1.37 -14.58
CA ALA B 173 -9.16 -1.53 -15.80
C ALA B 173 -8.44 -2.41 -16.82
N PHE B 174 -7.13 -2.19 -16.99
CA PHE B 174 -6.38 -2.96 -17.98
C PHE B 174 -6.20 -4.42 -17.54
N VAL B 175 -6.01 -4.64 -16.24
CA VAL B 175 -5.96 -6.00 -15.73
C VAL B 175 -7.28 -6.72 -15.97
N THR B 176 -8.39 -6.02 -15.73
CA THR B 176 -9.71 -6.55 -16.09
C THR B 176 -9.79 -6.87 -17.57
N ARG B 177 -9.29 -5.96 -18.41
CA ARG B 177 -9.27 -6.20 -19.85
C ARG B 177 -8.45 -7.43 -20.20
N ASN B 178 -7.24 -7.54 -19.66
CA ASN B 178 -6.35 -8.64 -20.02
C ASN B 178 -6.92 -9.98 -19.60
N ILE B 179 -7.47 -10.07 -18.38
CA ILE B 179 -7.99 -11.34 -17.89
C ILE B 179 -9.21 -11.77 -18.70
N THR B 180 -10.19 -10.88 -18.83
CA THR B 180 -11.40 -11.23 -19.56
C THR B 180 -11.12 -11.45 -21.04
N SER B 181 -10.16 -10.73 -21.62
CA SER B 181 -9.79 -10.98 -23.01
C SER B 181 -9.20 -12.37 -23.16
N LYS B 182 -8.32 -12.76 -22.23
CA LYS B 182 -7.67 -14.08 -22.32
C LYS B 182 -8.70 -15.21 -22.23
N PHE B 183 -9.73 -15.03 -21.40
CA PHE B 183 -10.82 -16.00 -21.36
C PHE B 183 -11.48 -16.13 -22.72
N THR B 184 -11.89 -15.00 -23.31
CA THR B 184 -12.55 -15.03 -24.61
C THR B 184 -11.66 -15.66 -25.67
N MET B 185 -10.37 -15.30 -25.67
CA MET B 185 -9.45 -15.88 -26.64
C MET B 185 -9.29 -17.39 -26.42
N VAL B 186 -9.34 -17.85 -25.17
CA VAL B 186 -9.28 -19.28 -24.90
C VAL B 186 -10.60 -19.95 -25.24
N ASP B 187 -11.72 -19.32 -24.87
CA ASP B 187 -13.03 -19.92 -25.15
C ASP B 187 -13.29 -20.06 -26.65
N PHE B 188 -12.72 -19.16 -27.46
CA PHE B 188 -12.94 -19.13 -28.89
C PHE B 188 -11.71 -19.62 -29.68
N LYS B 189 -10.86 -20.42 -29.03
CA LYS B 189 -9.65 -20.91 -29.69
C LYS B 189 -9.95 -21.75 -30.92
N ASN B 190 -11.13 -22.36 -31.00
CA ASN B 190 -11.50 -23.18 -32.15
C ASN B 190 -12.20 -22.40 -33.25
N GLU B 191 -12.46 -21.11 -33.04
CA GLU B 191 -12.98 -20.24 -34.09
C GLU B 191 -11.79 -19.70 -34.86
N LYS B 192 -11.52 -20.28 -36.03
CA LYS B 192 -10.28 -19.99 -36.74
C LYS B 192 -10.22 -18.55 -37.24
N THR B 193 -11.37 -17.91 -37.47
CA THR B 193 -11.36 -16.54 -37.97
C THR B 193 -10.97 -15.53 -36.90
N LEU B 194 -11.04 -15.90 -35.62
CA LEU B 194 -10.72 -14.97 -34.53
C LEU B 194 -9.23 -15.07 -34.20
N ILE B 195 -8.42 -14.50 -35.10
CA ILE B 195 -7.01 -14.34 -34.80
C ILE B 195 -6.87 -13.24 -33.76
N ALA B 196 -5.68 -13.15 -33.16
CA ALA B 196 -5.48 -12.22 -32.06
C ALA B 196 -5.74 -10.78 -32.49
N GLN B 197 -5.34 -10.41 -33.71
CA GLN B 197 -5.58 -9.05 -34.19
C GLN B 197 -7.06 -8.78 -34.38
N ASN B 198 -7.84 -9.80 -34.75
CA ASN B 198 -9.28 -9.61 -34.88
C ASN B 198 -9.94 -9.45 -33.52
N THR B 199 -9.41 -10.11 -32.49
CA THR B 199 -9.93 -9.92 -31.14
C THR B 199 -9.79 -8.46 -30.70
N TYR B 200 -8.60 -7.88 -30.88
CA TYR B 200 -8.43 -6.49 -30.50
C TYR B 200 -9.17 -5.56 -31.46
N ALA B 201 -9.26 -5.94 -32.74
CA ALA B 201 -10.02 -5.14 -33.70
C ALA B 201 -11.46 -4.97 -33.23
N LEU B 202 -12.09 -6.04 -32.76
CA LEU B 202 -13.45 -5.94 -32.25
C LEU B 202 -13.51 -5.15 -30.95
N ILE B 203 -12.47 -5.23 -30.13
CA ILE B 203 -12.44 -4.47 -28.88
C ILE B 203 -12.36 -2.98 -29.17
N THR B 204 -11.48 -2.58 -30.09
CA THR B 204 -11.34 -1.14 -30.37
C THR B 204 -12.59 -0.59 -31.02
N ILE B 205 -13.36 -1.41 -31.75
CA ILE B 205 -14.61 -0.95 -32.32
C ILE B 205 -15.64 -0.71 -31.23
N ILE B 206 -15.84 -1.72 -30.37
CA ILE B 206 -16.78 -1.57 -29.26
C ILE B 206 -16.33 -0.43 -28.34
N SER B 207 -15.03 -0.39 -28.03
CA SER B 207 -14.51 0.63 -27.12
C SER B 207 -14.72 2.04 -27.68
N PHE B 208 -14.57 2.20 -29.00
CA PHE B 208 -14.77 3.50 -29.62
C PHE B 208 -16.18 4.02 -29.36
N PHE B 209 -17.19 3.18 -29.61
CA PHE B 209 -18.56 3.62 -29.43
C PHE B 209 -18.95 3.69 -27.95
N MET B 210 -18.24 2.98 -27.08
CA MET B 210 -18.47 3.16 -25.65
C MET B 210 -17.97 4.52 -25.18
N GLU B 211 -16.84 4.98 -25.71
CA GLU B 211 -16.24 6.21 -25.19
C GLU B 211 -16.80 7.46 -25.89
N LEU B 212 -17.26 7.33 -27.13
CA LEU B 212 -17.65 8.48 -27.93
C LEU B 212 -18.67 9.40 -27.26
N PRO B 213 -19.80 8.91 -26.72
CA PRO B 213 -20.74 9.86 -26.12
C PRO B 213 -20.19 10.54 -24.88
N PHE B 214 -19.41 9.83 -24.07
CA PHE B 214 -18.79 10.47 -22.91
C PHE B 214 -17.80 11.55 -23.33
N ALA B 215 -17.02 11.28 -24.37
CA ALA B 215 -16.02 12.25 -24.84
C ALA B 215 -16.70 13.53 -25.28
N LEU B 216 -17.74 13.42 -26.12
CA LEU B 216 -18.49 14.61 -26.52
C LEU B 216 -19.19 15.26 -25.33
N LEU B 217 -19.60 14.45 -24.35
CA LEU B 217 -20.23 15.00 -23.15
C LEU B 217 -19.22 15.83 -22.34
N MET B 218 -18.00 15.33 -22.18
CA MET B 218 -17.02 15.98 -21.32
C MET B 218 -16.37 17.18 -21.99
N GLU B 219 -16.10 17.10 -23.29
CA GLU B 219 -15.29 18.10 -23.96
C GLU B 219 -15.91 18.69 -25.21
N GLY B 220 -17.07 18.19 -25.65
CA GLY B 220 -17.71 18.76 -26.82
C GLY B 220 -16.90 18.49 -28.08
N PHE B 221 -16.88 19.49 -28.97
CA PHE B 221 -16.12 19.42 -30.22
C PHE B 221 -14.96 20.40 -30.13
N PRO B 222 -13.81 19.97 -29.63
CA PRO B 222 -12.70 20.90 -29.39
C PRO B 222 -12.21 21.52 -30.69
N PRO B 223 -11.94 22.83 -30.69
CA PRO B 223 -11.42 23.46 -31.91
C PRO B 223 -10.02 22.94 -32.22
N LEU B 224 -9.78 22.68 -33.51
CA LEU B 224 -8.49 22.15 -33.96
C LEU B 224 -7.48 23.31 -34.04
N VAL B 225 -7.11 23.80 -32.85
CA VAL B 225 -6.18 24.91 -32.70
C VAL B 225 -5.10 24.50 -31.72
N SER B 226 -3.84 24.74 -32.06
CA SER B 226 -2.72 24.37 -31.21
C SER B 226 -2.49 25.43 -30.13
N ALA B 227 -2.33 24.97 -28.88
CA ALA B 227 -1.95 25.87 -27.81
C ALA B 227 -0.49 26.30 -27.91
N ILE B 228 0.29 25.71 -28.81
CA ILE B 228 1.68 26.08 -29.04
C ILE B 228 1.75 26.84 -30.35
N ALA B 229 2.38 28.01 -30.32
CA ALA B 229 2.46 28.85 -31.50
C ALA B 229 3.26 28.17 -32.60
N GLY B 230 2.94 28.51 -33.85
CA GLY B 230 3.69 28.01 -34.98
C GLY B 230 3.27 26.65 -35.50
N VAL B 231 2.09 26.16 -35.12
CA VAL B 231 1.58 24.87 -35.58
C VAL B 231 0.30 25.13 -36.35
N SER B 232 0.32 24.83 -37.65
CA SER B 232 -0.87 24.94 -38.48
C SER B 232 -1.88 23.86 -38.10
N LYS B 233 -3.13 24.06 -38.52
CA LYS B 233 -4.16 23.06 -38.28
C LYS B 233 -3.81 21.73 -38.94
N ALA B 234 -3.15 21.78 -40.10
CA ALA B 234 -2.76 20.55 -40.78
C ALA B 234 -1.68 19.80 -40.00
N LYS B 235 -0.75 20.54 -39.40
CA LYS B 235 0.29 19.89 -38.60
C LYS B 235 -0.29 19.28 -37.32
N LEU B 236 -1.24 19.97 -36.70
CA LEU B 236 -1.93 19.41 -35.55
C LEU B 236 -2.75 18.18 -35.94
N PHE B 237 -3.46 18.25 -37.07
CA PHE B 237 -4.20 17.10 -37.57
C PHE B 237 -3.26 15.94 -37.86
N GLY B 238 -2.09 16.23 -38.44
CA GLY B 238 -1.14 15.17 -38.72
C GLY B 238 -0.59 14.54 -37.45
N SER B 239 -0.37 15.34 -36.41
CA SER B 239 0.10 14.79 -35.15
C SER B 239 -0.95 13.90 -34.49
N ILE B 240 -2.22 14.29 -34.60
CA ILE B 240 -3.30 13.48 -34.05
C ILE B 240 -3.38 12.14 -34.77
N MET B 241 -3.33 12.18 -36.10
CA MET B 241 -3.38 10.95 -36.89
C MET B 241 -2.14 10.09 -36.64
N PHE B 242 -0.99 10.72 -36.44
CA PHE B 242 0.25 9.96 -36.26
C PHE B 242 0.23 9.18 -34.95
N CYS B 243 -0.11 9.83 -33.84
CA CYS B 243 -0.16 9.11 -32.57
C CYS B 243 -1.32 8.13 -32.53
N SER B 244 -2.38 8.38 -33.29
CA SER B 244 -3.50 7.43 -33.35
C SER B 244 -3.09 6.16 -34.08
N LEU B 245 -2.32 6.28 -35.16
CA LEU B 245 -1.87 5.09 -35.88
C LEU B 245 -1.01 4.20 -35.00
N PHE B 246 -0.05 4.79 -34.30
CA PHE B 246 0.84 3.99 -33.47
C PHE B 246 0.18 3.57 -32.16
N TYR B 247 -0.85 4.29 -31.70
CA TYR B 247 -1.66 3.78 -30.61
C TYR B 247 -2.27 2.43 -30.98
N HIS B 248 -2.86 2.35 -32.17
CA HIS B 248 -3.49 1.09 -32.57
C HIS B 248 -2.46 0.02 -32.84
N LEU B 249 -1.33 0.38 -33.46
CA LEU B 249 -0.34 -0.63 -33.82
C LEU B 249 0.27 -1.29 -32.59
N TYR B 250 0.55 -0.52 -31.54
CA TYR B 250 1.16 -1.11 -30.35
C TYR B 250 0.16 -1.98 -29.61
N ASN B 251 -1.10 -1.56 -29.54
CA ASN B 251 -2.11 -2.37 -28.87
C ASN B 251 -2.43 -3.62 -29.68
N GLU B 252 -2.39 -3.53 -31.01
CA GLU B 252 -2.67 -4.68 -31.85
C GLU B 252 -1.61 -5.75 -31.69
N VAL B 253 -0.33 -5.36 -31.73
CA VAL B 253 0.75 -6.33 -31.57
C VAL B 253 0.78 -6.85 -30.14
N SER B 254 0.34 -6.04 -29.16
CA SER B 254 0.35 -6.52 -27.78
C SER B 254 -0.63 -7.66 -27.57
N TYR B 255 -1.73 -7.70 -28.34
CA TYR B 255 -2.65 -8.82 -28.23
C TYR B 255 -2.10 -10.10 -28.85
N LEU B 256 -1.15 -9.97 -29.80
CA LEU B 256 -0.38 -11.14 -30.20
C LEU B 256 0.45 -11.66 -29.04
N CYS B 257 1.00 -10.75 -28.22
CA CYS B 257 1.73 -11.18 -27.04
C CYS B 257 0.80 -11.78 -26.00
N LEU B 258 -0.36 -11.15 -25.77
CA LEU B 258 -1.32 -11.67 -24.80
C LEU B 258 -1.81 -13.05 -25.21
N ASP B 259 -1.94 -13.31 -26.51
CA ASP B 259 -2.38 -14.61 -26.97
C ASP B 259 -1.37 -15.71 -26.66
N ASN B 260 -0.09 -15.36 -26.47
CA ASN B 260 0.96 -16.35 -26.27
C ASN B 260 1.50 -16.42 -24.85
N VAL B 261 1.07 -15.52 -23.96
CA VAL B 261 1.52 -15.53 -22.57
C VAL B 261 0.30 -15.43 -21.65
N SER B 262 0.53 -15.66 -20.36
CA SER B 262 -0.52 -15.49 -19.36
C SER B 262 -0.76 -14.00 -19.12
N PRO B 263 -1.93 -13.64 -18.57
CA PRO B 263 -2.17 -12.22 -18.26
C PRO B 263 -1.17 -11.63 -17.27
N VAL B 264 -0.63 -12.43 -16.36
CA VAL B 264 0.39 -11.91 -15.44
C VAL B 264 1.68 -11.62 -16.18
N SER B 265 2.12 -12.54 -17.03
CA SER B 265 3.33 -12.31 -17.82
C SER B 265 3.17 -11.13 -18.76
N PHE B 266 1.95 -10.91 -19.25
CA PHE B 266 1.67 -9.73 -20.07
C PHE B 266 1.96 -8.46 -19.29
N SER B 267 1.46 -8.36 -18.06
CA SER B 267 1.69 -7.16 -17.26
C SER B 267 3.15 -7.01 -16.90
N ILE B 268 3.84 -8.12 -16.64
CA ILE B 268 5.29 -8.05 -16.39
C ILE B 268 6.00 -7.52 -17.63
N GLY B 269 5.56 -7.94 -18.82
CA GLY B 269 6.09 -7.34 -20.04
C GLY B 269 5.76 -5.86 -20.14
N ASN B 270 4.62 -5.45 -19.61
CA ASN B 270 4.25 -4.03 -19.62
C ASN B 270 5.18 -3.21 -18.72
N THR B 271 5.58 -3.77 -17.58
CA THR B 271 6.49 -3.05 -16.69
C THR B 271 7.87 -2.89 -17.32
N ILE B 272 8.33 -3.91 -18.05
CA ILE B 272 9.56 -3.77 -18.82
C ILE B 272 9.40 -2.67 -19.87
N LYS B 273 8.24 -2.62 -20.51
CA LYS B 273 7.97 -1.58 -21.50
C LYS B 273 8.11 -0.18 -20.90
N ARG B 274 7.61 0.01 -19.68
CA ARG B 274 7.56 1.35 -19.11
C ARG B 274 8.93 1.84 -18.68
N VAL B 275 9.86 0.95 -18.32
CA VAL B 275 11.23 1.37 -18.09
C VAL B 275 11.80 2.03 -19.35
N ILE B 276 11.50 1.45 -20.51
CA ILE B 276 11.94 2.04 -21.77
C ILE B 276 11.24 3.36 -22.03
N ILE B 277 9.93 3.42 -21.77
CA ILE B 277 9.18 4.64 -21.99
C ILE B 277 9.64 5.75 -21.05
N ILE B 278 9.91 5.39 -19.79
CA ILE B 278 10.34 6.40 -18.82
C ILE B 278 11.69 6.98 -19.22
N PHE B 279 12.64 6.12 -19.58
CA PHE B 279 13.97 6.59 -20.00
C PHE B 279 13.87 7.47 -21.24
N GLY B 280 13.12 7.01 -22.25
CA GLY B 280 13.02 7.77 -23.48
C GLY B 280 12.28 9.08 -23.31
N SER B 281 11.22 9.09 -22.49
CA SER B 281 10.40 10.29 -22.37
C SER B 281 11.11 11.39 -21.59
N ILE B 282 11.84 11.03 -20.52
CA ILE B 282 12.55 12.06 -19.79
C ILE B 282 13.67 12.66 -20.64
N LEU B 283 14.21 11.88 -21.58
CA LEU B 283 15.24 12.41 -22.48
C LEU B 283 14.63 13.33 -23.53
N VAL B 284 13.58 12.87 -24.21
CA VAL B 284 12.99 13.64 -25.30
C VAL B 284 12.43 14.96 -24.77
N PHE B 285 11.72 14.91 -23.65
CA PHE B 285 11.08 16.08 -23.09
C PHE B 285 11.94 16.82 -22.08
N ARG B 286 13.16 16.35 -21.83
CA ARG B 286 14.08 16.97 -20.86
C ARG B 286 13.38 17.19 -19.53
N THR B 287 12.74 16.13 -19.04
CA THR B 287 11.94 16.21 -17.82
C THR B 287 12.85 16.40 -16.61
N PRO B 288 12.54 17.32 -15.71
CA PRO B 288 13.32 17.44 -14.47
C PRO B 288 13.11 16.22 -13.58
N VAL B 289 14.21 15.62 -13.14
CA VAL B 289 14.17 14.46 -12.25
C VAL B 289 15.21 14.67 -11.17
N THR B 290 14.76 14.78 -9.92
CA THR B 290 15.67 14.95 -8.79
C THR B 290 16.26 13.59 -8.39
N ARG B 291 17.27 13.64 -7.51
CA ARG B 291 17.88 12.42 -7.02
C ARG B 291 16.87 11.57 -6.27
N LEU B 292 16.14 12.16 -5.33
CA LEU B 292 15.14 11.40 -4.59
C LEU B 292 14.04 10.86 -5.49
N ASN B 293 13.80 11.51 -6.64
CA ASN B 293 12.68 11.12 -7.48
C ASN B 293 12.97 9.83 -8.23
N PHE B 294 14.14 9.73 -8.88
CA PHE B 294 14.40 8.47 -9.57
C PHE B 294 14.84 7.36 -8.63
N ILE B 295 15.21 7.69 -7.37
CA ILE B 295 15.42 6.65 -6.38
C ILE B 295 14.09 6.01 -6.00
N GLY B 296 13.07 6.83 -5.75
CA GLY B 296 11.76 6.30 -5.42
C GLY B 296 11.15 5.52 -6.58
N SER B 297 11.25 6.05 -7.80
CA SER B 297 10.71 5.35 -8.96
C SER B 297 11.44 4.03 -9.19
N THR B 298 12.76 4.02 -9.02
CA THR B 298 13.52 2.79 -9.19
C THR B 298 13.15 1.76 -8.13
N ILE B 299 13.02 2.20 -6.87
CA ILE B 299 12.65 1.28 -5.80
C ILE B 299 11.26 0.70 -6.06
N ALA B 300 10.35 1.51 -6.59
CA ALA B 300 9.00 1.03 -6.88
C ALA B 300 9.02 -0.07 -7.93
N ILE B 301 9.79 0.12 -9.00
CA ILE B 301 9.82 -0.85 -10.09
C ILE B 301 10.62 -2.09 -9.69
N ILE B 302 11.69 -1.90 -8.92
CA ILE B 302 12.40 -3.06 -8.37
C ILE B 302 11.47 -3.88 -7.50
N GLY B 303 10.64 -3.21 -6.70
CA GLY B 303 9.71 -3.93 -5.84
C GLY B 303 8.69 -4.75 -6.62
N THR B 304 8.16 -4.17 -7.70
CA THR B 304 7.21 -4.90 -8.54
C THR B 304 7.86 -6.13 -9.16
N MET B 305 9.11 -6.01 -9.60
CA MET B 305 9.81 -7.17 -10.14
C MET B 305 10.10 -8.18 -9.03
N LEU B 306 10.45 -7.71 -7.84
CA LEU B 306 10.63 -8.63 -6.71
C LEU B 306 9.32 -9.29 -6.33
N TYR B 307 8.22 -8.53 -6.35
CA TYR B 307 6.90 -9.11 -6.11
C TYR B 307 6.61 -10.23 -7.10
N SER B 308 6.85 -9.99 -8.39
CA SER B 308 6.56 -11.00 -9.40
C SER B 308 7.46 -12.22 -9.21
N LEU B 309 8.73 -12.00 -8.85
CA LEU B 309 9.61 -13.12 -8.56
C LEU B 309 9.09 -13.94 -7.39
N ALA B 310 8.60 -13.27 -6.34
CA ALA B 310 8.11 -13.99 -5.17
C ALA B 310 6.87 -14.81 -5.52
N LYS B 311 5.88 -14.19 -6.17
CA LYS B 311 4.66 -14.92 -6.53
C LYS B 311 4.96 -16.11 -7.42
N ALA B 312 5.92 -15.98 -8.34
CA ALA B 312 6.20 -17.05 -9.29
C ALA B 312 6.99 -18.18 -8.65
N LYS B 313 8.01 -17.86 -7.86
CA LYS B 313 8.94 -18.85 -7.35
C LYS B 313 8.49 -19.48 -6.04
N LEU B 314 7.30 -19.14 -5.54
CA LEU B 314 6.92 -19.62 -4.22
C LEU B 314 5.69 -20.52 -4.30
N PRO B 315 5.54 -21.46 -3.33
CA PRO B 315 4.42 -22.40 -3.22
C PRO B 315 3.05 -21.79 -3.50
P PO4 C . 1.23 1.06 21.69
O1 PO4 C . 2.32 2.08 21.49
O2 PO4 C . 1.47 0.29 22.96
O3 PO4 C . 1.22 0.11 20.51
O4 PO4 C . -0.11 1.77 21.77
C18 OLC D . -1.12 -2.62 4.76
C10 OLC D . 0.18 5.35 2.43
C9 OLC D . 0.90 6.38 1.95
C17 OLC D . -0.42 -1.73 5.77
C11 OLC D . 0.85 4.21 3.17
C8 OLC D . 2.40 6.44 2.14
C24 OLC D . 2.81 18.44 4.59
C16 OLC D . -0.94 -0.33 5.60
C12 OLC D . -0.07 3.02 3.15
C7 OLC D . 2.87 7.87 2.01
C15 OLC D . 0.13 0.64 6.06
C13 OLC D . -0.32 2.53 4.56
C6 OLC D . 1.99 8.79 2.84
C14 OLC D . 0.63 1.41 4.86
C5 OLC D . 1.24 9.72 1.93
C4 OLC D . 1.11 11.09 2.58
C3 OLC D . 1.12 12.12 1.48
C2 OLC D . 0.65 13.46 1.99
C21 OLC D . 2.07 16.30 3.63
C1 OLC D . 1.81 14.26 2.51
C22 OLC D . 3.00 17.48 3.44
O19 OLC D . 2.76 13.69 3.04
O25 OLC D . 1.44 18.60 4.86
O23 OLC D . 4.33 17.02 3.41
O20 OLC D . 1.83 15.66 2.40
C18 OLC E . 2.70 -5.99 5.08
C10 OLC E . 4.45 2.71 4.20
C9 OLC E . 5.10 3.89 4.05
C17 OLC E . 3.15 -4.81 4.26
C11 OLC E . 4.75 1.49 3.35
C8 OLC E . 6.19 4.10 3.01
C24 OLC E . 9.26 15.46 0.12
C16 OLC E . 1.95 -4.11 3.66
C12 OLC E . 4.21 0.26 4.07
C7 OLC E . 6.27 5.57 2.66
C15 OLC E . 2.36 -2.86 2.92
C13 OLC E . 3.51 -0.66 3.11
C6 OLC E . 7.65 5.95 2.16
C14 OLC E . 3.02 -1.88 3.87
C5 OLC E . 7.71 7.46 1.96
C4 OLC E . 9.15 7.89 1.74
C3 OLC E . 9.45 9.15 2.53
C2 OLC E . 9.08 10.37 1.71
C21 OLC E . 9.88 13.06 0.23
C1 OLC E . 10.09 11.47 1.96
C22 OLC E . 10.39 14.46 -0.02
O19 OLC E . 11.16 11.19 2.47
O25 OLC E . 9.65 16.72 -0.42
O23 OLC E . 11.42 14.77 0.90
O20 OLC E . 9.79 12.80 1.62
C8 OLC F . -14.09 -2.82 25.87
C7 OLC F . -13.46 -4.15 26.22
C6 OLC F . -13.77 -5.17 25.15
C5 OLC F . -12.65 -5.22 24.14
C4 OLC F . -13.09 -6.00 22.92
C3 OLC F . -12.28 -7.26 22.79
C2 OLC F . -11.36 -7.16 21.59
C10 OLC G . -3.70 -1.65 39.82
C9 OLC G . -4.50 -2.35 38.99
C11 OLC G . -2.20 -1.87 39.79
C8 OLC G . -3.94 -3.35 38.01
C16 OLC G . 0.91 2.72 42.47
C12 OLC G . -1.56 -1.23 40.99
C7 OLC G . -4.22 -4.76 38.50
C15 OLC G . -0.36 1.93 42.27
C13 OLC G . -1.18 0.21 40.70
C6 OLC G . -4.55 -5.65 37.32
C14 OLC G . -0.03 0.62 41.59
C5 OLC G . -3.84 -6.97 37.46
C4 OLC G . -4.86 -8.09 37.51
C8 OLC H . 15.95 0.80 36.14
C7 OLC H . 16.34 -0.36 37.02
C6 OLC H . 16.27 -1.65 36.22
C5 OLC H . 15.99 -2.82 37.15
C4 OLC H . 17.21 -3.11 37.99
C3 OLC H . 16.93 -4.30 38.90
C2 OLC H . 17.22 -5.58 38.17
C1 OLC H . 16.66 -6.74 38.95
C8 OLC I . 16.52 -9.58 37.01
C7 OLC I . 15.35 -10.52 36.84
C6 OLC I . 15.40 -11.59 37.91
C5 OLC I . 14.55 -11.16 39.09
C4 OLC I . 13.96 -12.39 39.74
C3 OLC I . 15.07 -13.29 40.26
C2 OLC I . 14.47 -14.48 40.96
C18 OLC J . -15.50 3.60 20.51
C10 OLC J . -14.61 0.37 13.33
C9 OLC J . -14.71 1.53 12.65
C17 OLC J . -16.03 2.33 19.88
C11 OLC J . -14.90 0.31 14.80
C8 OLC J . -15.11 2.81 13.34
C24 OLC J . -7.32 12.94 13.98
C16 OLC J . -14.89 1.48 19.37
C12 OLC J . -14.62 -1.09 15.31
C7 OLC J . -13.88 3.56 13.77
C15 OLC J . -15.45 0.25 18.68
C13 OLC J . -15.13 -1.25 16.73
C6 OLC J . -13.64 4.73 12.84
C14 OLC J . -14.46 -0.23 17.63
C5 OLC J . -13.29 5.97 13.65
C4 OLC J . -11.80 6.20 13.63
C3 OLC J . -11.50 7.58 14.16
C2 OLC J . -11.52 8.59 13.03
C21 OLC J . -9.38 11.62 13.66
C1 OLC J . -11.00 9.92 13.53
C22 OLC J . -8.09 12.08 13.02
O19 OLC J . -11.58 10.48 14.45
O25 OLC J . -5.93 12.84 13.68
O23 OLC J . -7.31 10.97 12.65
O20 OLC J . -9.86 10.49 12.97
C18 OLC K . 6.01 -5.79 6.47
C10 OLC K . 9.49 -11.62 12.22
C9 OLC K . 10.02 -12.69 12.83
C17 OLC K . 6.84 -6.95 6.99
C11 OLC K . 8.12 -11.13 12.67
C8 OLC K . 9.24 -13.36 13.94
C16 OLC K . 6.12 -7.60 8.15
C12 OLC K . 7.36 -10.68 11.46
C7 OLC K . 10.15 -14.30 14.69
C15 OLC K . 7.11 -8.33 9.02
C13 OLC K . 7.53 -9.19 11.29
C6 OLC K . 9.48 -15.65 14.78
C14 OLC K . 6.48 -8.67 10.34
C9 OLC L . -12.97 9.07 -0.47
C8 OLC L . -13.23 10.56 -0.47
C7 OLC L . -12.33 11.23 -1.48
C6 OLC L . -13.07 12.39 -2.11
C5 OLC L . -12.10 13.50 -2.45
C4 OLC L . -12.87 14.77 -2.70
C3 OLC L . -11.92 15.84 -3.20
C2 OLC L . -11.52 16.75 -2.06
C24 OLC M . 0.38 -5.23 39.69
C5 OLC M . 0.88 -1.51 45.27
C4 OLC M . -0.08 -2.54 44.71
C3 OLC M . 0.64 -3.86 44.55
C2 OLC M . 0.42 -4.38 43.14
C21 OLC M . -1.38 -6.04 41.18
C1 OLC M . -0.17 -5.78 43.19
C22 OLC M . -0.90 -6.03 39.75
O19 OLC M . -0.49 -6.27 44.26
O25 OLC M . 0.32 -4.32 38.60
O23 OLC M . -0.63 -7.35 39.34
O20 OLC M . -0.33 -6.49 42.00
C10 OLC N . -12.76 7.41 25.68
C9 OLC N . -13.44 8.54 25.98
C8 OLC N . -12.82 9.58 26.89
C7 OLC N . -13.63 10.86 26.81
C6 OLC N . -12.99 11.92 27.67
C5 OLC N . -13.03 13.25 26.93
C4 OLC N . -12.66 14.37 27.87
C3 OLC N . -12.91 15.69 27.18
C2 OLC N . -12.55 16.82 28.11
C1 OLC N . -12.88 18.14 27.45
C10 OLC O . -12.81 1.95 27.85
C9 OLC O . -11.94 2.92 28.22
C11 OLC O . -14.03 2.30 27.03
C8 OLC O . -12.18 4.36 27.79
C12 OLC O . -14.57 1.04 26.38
C7 OLC O . -11.24 5.27 28.54
C6 OLC O . -11.93 5.84 29.76
C5 OLC O . -11.63 7.31 29.86
C4 OLC O . -11.83 7.79 31.30
C3 OLC O . -10.78 8.84 31.62
C2 OLC O . -11.44 9.98 32.37
C1 OLC O . -11.43 11.22 31.51
C18 OLC P . 4.35 2.72 43.64
C10 OLC P . 11.42 6.11 39.98
C9 OLC P . 12.04 7.29 40.20
C17 OLC P . 5.68 2.69 42.93
C11 OLC P . 10.67 5.42 41.11
C8 OLC P . 12.00 7.95 41.56
C16 OLC P . 5.55 3.37 41.58
C12 OLC P . 9.60 4.53 40.51
C7 OLC P . 13.37 8.53 41.85
C15 OLC P . 6.89 3.95 41.18
C13 OLC P . 9.27 3.43 41.49
C6 OLC P . 13.25 10.00 42.15
C14 OLC P . 7.92 2.84 41.15
C5 OLC P . 14.60 10.65 41.94
C18 OLC Q . 12.98 0.05 7.58
C10 OLC Q . 13.37 8.66 10.34
C9 OLC Q . 13.43 9.08 9.06
C17 OLC Q . 13.59 1.26 8.23
C11 OLC Q . 14.17 7.45 10.79
C8 OLC Q . 12.63 10.28 8.62
C16 OLC Q . 13.39 2.46 7.33
C12 OLC Q . 13.42 6.19 10.41
C7 OLC Q . 12.71 10.44 7.11
C15 OLC Q . 14.31 3.59 7.75
C13 OLC Q . 13.95 5.65 9.10
C6 OLC Q . 13.27 11.80 6.77
C14 OLC Q . 13.85 4.14 9.09
C5 OLC Q . 12.27 12.56 5.92
C4 OLC Q . 12.45 14.04 6.14
C3 OLC Q . 11.55 14.82 5.19
C18 OLC R . 18.62 1.52 8.72
C10 OLC R . 17.69 4.54 5.93
C9 OLC R . 17.89 5.79 6.40
C17 OLC R . 18.75 0.13 8.14
C11 OLC R . 16.69 4.27 4.82
C8 OLC R . 17.11 6.95 5.83
C16 OLC R . 17.66 -0.12 7.12
C12 OLC R . 17.06 2.99 4.09
C7 OLC R . 17.82 8.24 6.19
C15 OLC R . 17.58 1.05 6.16
C13 OLC R . 16.05 1.91 4.41
C6 OLC R . 16.95 9.07 7.11
C14 OLC R . 16.75 0.68 4.94
C5 OLC R . 17.67 10.34 7.49
C4 OLC R . 17.24 11.46 6.56
C3 OLC R . 17.44 12.78 7.26
C2 OLC R . 16.88 13.91 6.40
C18 OLC S . 17.59 8.59 31.00
C10 OLC S . 12.59 7.30 36.92
C9 OLC S . 12.78 8.63 36.72
C17 OLC S . 17.22 8.57 32.46
C11 OLC S . 13.78 6.40 37.17
C8 OLC S . 14.16 9.22 36.73
C16 OLC S . 17.42 7.16 33.00
C12 OLC S . 13.96 5.47 35.98
C7 OLC S . 14.07 10.71 36.96
C15 OLC S . 16.78 7.03 34.35
C13 OLC S . 15.43 5.40 35.65
C6 OLC S . 13.36 11.35 35.78
C14 OLC S . 15.67 6.01 34.28
C5 OLC S . 13.31 12.86 35.97
C4 OLC S . 14.40 13.50 35.14
C9 OLC T . -12.83 1.96 36.51
C8 OLC T . -11.72 0.93 36.46
C7 OLC T . -10.72 1.20 37.56
C6 OLC T . -9.51 0.33 37.36
C5 OLC T . -9.03 -0.22 38.69
C4 OLC T . -8.88 -1.72 38.58
C3 OLC T . -7.97 -2.23 39.67
C2 OLC T . -7.73 -3.72 39.49
P PO4 U . -0.72 1.36 -21.64
O1 PO4 U . 0.76 1.69 -21.73
O2 PO4 U . -1.14 0.62 -22.89
O3 PO4 U . -0.97 0.49 -20.44
O4 PO4 U . -1.52 2.63 -21.52
C18 OLC V . 0.21 -2.35 -5.70
C10 OLC V . 0.37 5.98 -1.47
C9 OLC V . -0.19 7.20 -1.47
C17 OLC V . 0.41 -1.12 -4.83
C11 OLC V . 0.88 5.39 -2.76
C8 OLC V . -0.32 7.96 -2.78
C24 OLC V . 1.91 18.03 -4.73
C16 OLC V . 0.97 -0.01 -5.70
C12 OLC V . 0.86 3.88 -2.67
C7 OLC V . 0.04 9.42 -2.57
C15 OLC V . 0.27 1.29 -5.37
C13 OLC V . 0.75 3.32 -4.07
C6 OLC V . 1.37 9.52 -1.86
C14 OLC V . 0.75 1.81 -4.03
C5 OLC V . 2.16 10.68 -2.43
C4 OLC V . 1.48 11.98 -2.05
C3 OLC V . 2.52 13.04 -1.78
C2 OLC V . 2.43 14.11 -2.84
C21 OLC V . 0.74 17.42 -2.65
C1 OLC V . 1.50 15.22 -2.41
C22 OLC V . 0.91 18.50 -3.70
O19 OLC V . 0.46 14.96 -1.85
O25 OLC V . 3.17 18.64 -4.50
O23 OLC V . -0.31 18.76 -4.33
O20 OLC V . 1.84 16.55 -2.68
C18 OLC W . -2.74 -4.12 -3.29
C10 OLC W . -4.33 4.53 -4.35
C9 OLC W . -4.57 5.83 -4.07
C17 OLC W . -1.95 -2.98 -2.67
C11 OLC W . -3.96 3.53 -3.28
C8 OLC W . -4.47 6.36 -2.66
C24 OLC W . -6.49 18.24 1.01
C16 OLC W . -2.79 -1.73 -2.65
C12 OLC W . -4.57 2.19 -3.67
C7 OLC W . -4.87 7.83 -2.65
C15 OLC W . -3.10 -1.29 -4.07
C13 OLC W . -3.59 1.07 -3.44
C6 OLC W . -6.10 8.01 -1.78
C14 OLC W . -4.16 -0.20 -4.05
C5 OLC W . -6.83 9.27 -2.19
C4 OLC W . -5.94 10.46 -1.93
C3 OLC W . -6.72 11.76 -2.02
C2 OLC W . -5.83 12.88 -1.53
C21 OLC W . -6.79 16.43 -0.66
C1 OLC W . -6.62 14.16 -1.37
C22 OLC W . -5.94 17.61 -0.25
O19 OLC W . -7.82 14.16 -1.54
O25 OLC W . -5.51 19.08 1.58
O23 OLC W . -4.61 17.19 -0.01
O20 OLC W . -5.95 15.36 -1.03
C10 OLC X . 2.92 -1.45 -40.79
C9 OLC X . 3.19 -2.57 -40.09
C11 OLC X . 1.49 -0.97 -40.95
C8 OLC X . 2.08 -3.36 -39.43
C16 OLC X . -1.17 4.23 -43.01
C12 OLC X . 1.50 0.44 -41.51
C7 OLC X . 2.66 -4.18 -38.29
C15 OLC X . -1.24 2.73 -42.76
C13 OLC X . 0.11 0.84 -41.93
C6 OLC X . 2.36 -5.64 -38.52
C14 OLC X . 0.16 2.18 -42.63
C5 OLC X . 2.97 -6.47 -37.40
C4 OLC X . 3.29 -7.85 -37.90
C3 OLC X . 3.20 -8.84 -36.76
C2 OLC X . 2.29 -9.98 -37.16
C18 OLC Y . -9.69 1.06 -8.49
C10 OLC Y . -9.95 7.34 -4.70
C17 OLC Y . -8.91 0.77 -7.23
C11 OLC Y . -9.57 5.88 -4.50
C16 OLC Y . -7.46 1.11 -7.44
C12 OLC Y . -8.77 5.41 -5.69
C15 OLC Y . -7.02 2.10 -6.39
C13 OLC Y . -8.26 4.01 -5.43
C14 OLC Y . -7.63 3.45 -6.69
C18 OLC Z . -5.48 -4.41 -5.65
C10 OLC Z . -10.39 -9.15 -11.55
C9 OLC Z . -11.06 -10.10 -12.24
C17 OLC Z . -5.63 -5.50 -6.68
C11 OLC Z . -10.05 -7.83 -12.20
C8 OLC Z . -11.49 -9.87 -13.67
C16 OLC Z . -6.92 -5.27 -7.45
C12 OLC Z . -9.82 -6.78 -11.12
C7 OLC Z . -12.85 -10.51 -13.89
C15 OLC Z . -7.01 -6.23 -8.62
C13 OLC Z . -8.46 -6.96 -10.49
C6 OLC Z . -12.70 -11.81 -14.65
C14 OLC Z . -8.35 -6.04 -9.30
C5 OLC Z . -13.50 -12.90 -13.97
C4 OLC Z . -14.78 -13.18 -14.74
C3 OLC Z . -14.49 -13.29 -16.22
C18 OLC AA . 12.42 -1.58 2.79
C10 OLC AA . 15.30 5.35 0.17
C9 OLC AA . 15.51 6.69 0.19
C17 OLC AA . 12.07 -1.23 1.36
C11 OLC AA . 14.37 4.71 1.16
C8 OLC AA . 14.81 7.56 1.21
C16 OLC AA . 12.97 -0.10 0.88
C12 OLC AA . 13.01 4.53 0.51
C7 OLC AA . 15.81 8.48 1.89
C15 OLC AA . 12.64 1.16 1.63
C13 OLC AA . 12.18 3.57 1.33
C6 OLC AA . 15.15 9.79 2.23
C14 OLC AA . 12.19 2.22 0.65
C5 OLC AA . 16.21 10.85 2.39
C4 OLC AA . 15.63 12.06 3.08
C3 OLC AA . 16.25 13.32 2.53
C10 OLC BA . 14.29 -3.63 -13.40
C9 OLC BA . 14.33 -2.36 -12.96
C11 OLC BA . 15.02 -4.04 -14.67
C8 OLC BA . 15.11 -1.30 -13.70
C24 OLC BA . 10.50 10.85 -13.76
C16 OLC BA . 14.91 -2.50 -19.49
C12 OLC BA . 14.06 -4.70 -15.63
C7 OLC BA . 15.13 -0.01 -12.90
C15 OLC BA . 14.99 -3.09 -18.09
C13 OLC BA . 14.81 -5.23 -16.83
C6 OLC BA . 13.91 0.82 -13.22
C14 OLC BA . 14.41 -4.48 -18.09
C5 OLC BA . 14.29 2.01 -14.07
C4 OLC BA . 14.35 3.25 -13.20
C3 OLC BA . 13.59 4.40 -13.84
C2 OLC BA . 13.40 5.49 -12.80
C21 OLC BA . 12.08 8.95 -13.49
C1 OLC BA . 13.15 6.84 -13.45
C22 OLC BA . 10.82 9.61 -12.96
O19 OLC BA . 13.77 7.17 -14.44
O25 OLC BA . 9.11 11.04 -13.76
O23 OLC BA . 9.74 8.71 -13.08
O20 OLC BA . 12.19 7.69 -12.89
C18 OLC CA . -13.92 10.55 -34.27
C10 OLC CA . -15.81 3.50 -36.56
C9 OLC CA . -16.28 2.25 -36.76
C17 OLC CA . -13.29 10.07 -35.56
C11 OLC CA . -15.36 4.37 -37.71
C8 OLC CA . -16.38 1.66 -38.15
C16 OLC CA . -12.78 8.65 -35.37
C12 OLC CA . -14.10 5.11 -37.31
C7 OLC CA . -16.68 0.18 -38.04
C15 OLC CA . -12.53 8.01 -36.72
C13 OLC CA . -14.44 6.40 -36.60
C6 OLC CA . -17.55 -0.26 -39.19
C14 OLC CA . -13.85 7.58 -37.34
C5 OLC CA . -17.37 -1.73 -39.49
C4 OLC CA . -17.60 -1.96 -40.97
C3 OLC CA . -17.26 -3.39 -41.35
C2 OLC CA . -17.83 -3.68 -42.72
C1 OLC CA . -17.49 -5.09 -43.16
O19 OLC CA . -16.41 -5.57 -42.88
O20 OLC CA . -18.42 -5.85 -43.89
C18 OLC DA . -15.72 5.87 -19.55
C17 OLC DA . -16.66 5.05 -20.42
C11 OLC DA . -22.02 2.88 -22.59
C16 OLC DA . -16.55 3.59 -20.02
C12 OLC DA . -21.27 2.82 -21.27
C15 OLC DA . -17.49 2.76 -20.88
C13 OLC DA . -19.84 2.38 -21.52
C14 OLC DA . -18.92 3.15 -20.60
C9 OLC EA . 12.97 -6.88 -27.22
C8 OLC EA . 11.95 -7.17 -26.15
C7 OLC EA . 12.02 -8.63 -25.77
C6 OLC EA . 11.87 -8.77 -24.27
C5 OLC EA . 10.45 -9.13 -23.92
C4 OLC EA . 10.31 -9.26 -22.42
C3 OLC EA . 9.56 -10.53 -22.09
C2 OLC EA . 9.36 -10.63 -20.59
C1 OLC EA . 7.88 -10.81 -20.30
C9 OLC FA . 14.44 -2.68 -26.42
C8 OLC FA . 13.88 -1.33 -26.81
C7 OLC FA . 13.26 -1.41 -28.18
C6 OLC FA . 12.08 -0.48 -28.27
C5 OLC FA . 12.52 0.95 -28.00
C4 OLC FA . 12.78 1.66 -29.31
C3 OLC FA . 13.03 3.13 -29.04
C2 OLC FA . 13.73 3.76 -30.22
C1 OLC FA . 12.72 4.04 -31.31
C18 OLC GA . -7.05 3.55 -42.75
C10 OLC GA . -0.44 8.90 -40.39
C9 OLC GA . 0.39 9.96 -40.35
C17 OLC GA . -6.17 4.70 -42.30
C11 OLC GA . -1.76 8.99 -41.15
C8 OLC GA . 0.03 11.24 -41.07
C16 OLC GA . -6.07 4.68 -40.79
C12 OLC GA . -2.88 8.39 -40.32
C7 OLC GA . 0.89 12.38 -40.56
C15 OLC GA . -4.66 5.07 -40.38
C13 OLC GA . -3.07 6.93 -40.66
C6 OLC GA . 2.35 12.00 -40.63
C14 OLC GA . -4.53 6.57 -40.44
C5 OLC GA . 3.19 13.23 -40.87
C4 OLC GA . 3.71 13.76 -39.54
C10 OLC HA . -10.49 12.90 -9.72
C9 OLC HA . -10.10 13.55 -8.61
C11 OLC HA . -10.54 11.38 -9.76
C8 OLC HA . -9.70 12.75 -7.37
C12 OLC HA . -11.14 10.92 -11.07
C7 OLC HA . -8.76 13.57 -6.51
C6 OLC HA . -9.12 15.04 -6.57
C5 OLC HA . -8.27 15.81 -5.58
C4 OLC HA . -8.20 17.27 -5.98
C3 OLC HA . -7.75 18.09 -4.80
C9 OLC IA . -15.21 9.32 -6.41
C8 OLC IA . -14.91 10.65 -5.77
C7 OLC IA . -15.21 11.78 -6.74
C6 OLC IA . -13.92 12.45 -7.15
C5 OLC IA . -14.19 13.90 -7.49
C4 OLC IA . -13.99 14.76 -6.26
C3 OLC IA . -14.18 16.22 -6.62
C2 OLC IA . -12.86 16.96 -6.46
C1 OLC IA . -13.14 18.43 -6.22
C18 OLC JA . 6.59 -4.90 -39.53
C10 OLC JA . 13.51 -0.95 -35.87
C9 OLC JA . 14.09 0.24 -35.61
C17 OLC JA . 7.40 -3.96 -38.65
C11 OLC JA . 12.63 -1.13 -37.09
C8 OLC JA . 13.85 1.41 -36.55
C16 OLC JA . 7.36 -2.57 -39.22
C12 OLC JA . 11.60 -2.19 -36.80
C15 OLC JA . 8.15 -1.63 -38.33
C13 OLC JA . 10.21 -1.59 -36.96
C14 OLC JA . 9.59 -2.10 -38.25
C10 OLC KA . -14.19 -4.88 -11.34
C9 OLC KA . -14.15 -5.89 -12.25
C8 OLC KA . -15.39 -6.71 -12.53
C7 OLC KA . -15.20 -7.51 -13.80
C6 OLC KA . -16.06 -8.75 -13.74
C5 OLC KA . -16.35 -9.26 -15.13
C4 OLC KA . -17.12 -10.57 -15.02
C3 OLC KA . -18.00 -10.76 -16.24
C2 OLC KA . -17.77 -12.11 -16.87
C1 OLC KA . -18.14 -12.03 -18.34
C10 OLC LA . 14.90 4.37 -23.98
C9 OLC LA . 14.54 5.00 -25.12
C11 OLC LA . 16.33 3.93 -23.77
C8 OLC LA . 15.56 5.26 -26.20
C12 OLC LA . 16.37 2.73 -22.86
C7 OLC LA . 15.15 6.47 -27.01
C6 OLC LA . 16.15 7.58 -26.79
C5 OLC LA . 15.79 8.78 -27.66
C4 OLC LA . 16.60 9.96 -27.20
C3 OLC LA . 16.10 11.23 -27.85
C2 OLC LA . 17.18 12.28 -27.74
C1 OLC LA . 16.56 13.66 -27.74
O19 OLC LA . 17.14 14.69 -26.99
O20 OLC LA . 15.55 13.88 -28.40
C9 OLC MA . -21.32 -1.43 -15.18
C8 OLC MA . -22.06 -2.07 -16.34
C7 OLC MA . -21.69 -3.53 -16.42
C6 OLC MA . -22.47 -4.18 -17.55
C5 OLC MA . -22.36 -5.69 -17.44
C4 OLC MA . -22.66 -6.30 -18.80
C3 OLC MA . -23.25 -7.68 -18.62
C2 OLC MA . -22.16 -8.68 -18.31
C1 OLC MA . -21.92 -9.59 -19.49
O19 OLC MA . -21.87 -9.12 -20.62
O20 OLC MA . -21.77 -10.97 -19.31
C24 OLC NA . -1.51 -8.10 -39.58
C6 OLC NA . -1.02 -0.92 -45.28
C5 OLC NA . -0.32 -2.09 -44.64
C4 OLC NA . -1.20 -3.31 -44.74
C3 OLC NA . -0.77 -4.32 -43.70
C2 OLC NA . -1.45 -5.64 -43.96
C21 OLC NA . -1.42 -8.73 -41.96
C1 OLC NA . -1.28 -6.50 -42.73
C22 OLC NA . -2.03 -9.08 -40.61
O19 OLC NA . -0.45 -6.21 -41.91
O25 OLC NA . -1.99 -8.43 -38.30
O23 OLC NA . -3.44 -9.02 -40.69
O20 OLC NA . -2.10 -7.64 -42.53
C9 OLC OA . -2.57 -2.02 -50.06
C8 OLC OA . -3.55 -2.48 -51.13
C7 OLC OA . -3.71 -3.98 -51.05
C6 OLC OA . -4.91 -4.41 -51.87
C5 OLC OA . -4.61 -5.72 -52.55
C4 OLC OA . -5.84 -6.60 -52.52
C3 OLC OA . -5.85 -7.51 -53.73
C2 OLC OA . -6.01 -8.95 -53.29
C1 OLC OA . -6.61 -9.76 -54.41
C9 OLC PA . -20.24 -4.70 -31.97
C8 OLC PA . -19.14 -4.30 -32.93
C7 OLC PA . -18.86 -5.44 -33.88
C6 OLC PA . -19.27 -5.05 -35.28
C5 OLC PA . -18.73 -6.07 -36.27
C4 OLC PA . -17.64 -5.42 -37.09
C3 OLC PA . -16.93 -6.48 -37.92
C2 OLC PA . -17.93 -7.14 -38.87
C1 OLC PA . -17.19 -8.09 -39.76
O19 OLC PA . -16.01 -7.92 -39.98
O20 OLC PA . -17.86 -9.18 -40.35
C8 OLC QA . -17.42 1.86 -42.43
C7 OLC QA . -18.04 0.86 -43.39
C6 OLC QA . -18.64 1.60 -44.58
C5 OLC QA . -19.19 0.60 -45.57
C4 OLC QA . -18.09 -0.31 -46.05
C3 OLC QA . -18.68 -1.54 -46.70
C2 OLC QA . -17.70 -2.09 -47.69
C1 OLC QA . -18.28 -3.31 -48.36
O19 OLC QA . -18.94 -3.19 -49.38
O20 OLC QA . -18.07 -4.58 -47.81
C18 OLC RA . -12.83 -2.49 -15.06
C10 OLC RA . -12.15 4.34 -8.29
C9 OLC RA . -12.57 5.42 -7.59
C17 OLC RA . -13.55 -1.59 -14.08
C11 OLC RA . -12.90 3.90 -9.53
C8 OLC RA . -13.79 6.18 -8.03
C16 OLC RA . -12.61 -1.15 -12.98
C12 OLC RA . -12.83 2.39 -9.66
C15 OLC RA . -13.17 0.07 -12.29
C13 OLC RA . -12.32 2.03 -11.03
C14 OLC RA . -12.25 0.52 -11.17
C7 OLC SA . -2.49 12.24 -43.45
C6 OLC SA . -2.59 13.62 -42.83
C5 OLC SA . -1.25 14.32 -42.92
C4 OLC SA . -1.40 15.76 -42.46
C3 OLC SA . -0.04 16.41 -42.36
C2 OLC SA . 0.00 17.65 -43.22
C6 OLC TA . -22.43 -6.58 -36.61
C5 OLC TA . -22.18 -8.06 -36.74
C4 OLC TA . -21.75 -8.38 -38.16
C3 OLC TA . -21.72 -9.89 -38.35
C2 OLC TA . -20.84 -10.25 -39.52
C1 OLC TA . -20.36 -11.68 -39.37
O19 OLC TA . -19.44 -11.93 -38.62
O20 OLC TA . -20.98 -12.72 -40.07
#